data_1PJ7
#
_entry.id   1PJ7
#
_cell.length_a   70.621
_cell.length_b   223.740
_cell.length_c   119.371
_cell.angle_alpha   90.00
_cell.angle_beta   90.00
_cell.angle_gamma   90.00
#
_symmetry.space_group_name_H-M   'C 2 2 2'
#
loop_
_entity.id
_entity.type
_entity.pdbx_description
1 polymer 'N,N-dimethylglycine oxidase'
2 non-polymer 'SODIUM ION'
3 non-polymer 'N-[4-({[(6S)-2-amino-5-formyl-4-oxo-3,4,5,6,7,8-hexahydropteridin-6-yl]methyl}amino)benzoyl]-L-glutamic acid'
4 non-polymer 'FLAVIN-ADENINE DINUCLEOTIDE'
5 water water
#
_entity_poly.entity_id   1
_entity_poly.type   'polypeptide(L)'
_entity_poly.pdbx_seq_one_letter_code
;MASTPRIVIIGAGIVGTNLADELVTRGWNNITVLDQGPLNMPGGSTSHAPGLVFQTNPSKTMASFAKYTVEKLLSLTEDG
VSCFNQVGGLEVATTETRLADLKRKLGYAAAWGIEGRLLSPAECQELYPLLDGENILGGLHVPSDGLASAARAVQLLIKR
TESAGVTYRGSTTVTGIEQSGGRVTGVQTADGVIPADIVVSCAGFWGAKIGAMIGMAVPLLPLAHQYVKTTPVPAQQGRN
DQPNGARLPILRHQDQDLYYREHGDRYGIGSYAHRPMPVDVDTLGAYAPETVSEHHMPSRLDFTLEDFLPAWEATKQLLP
ALADSEIEDGFNGIFSFTPDGGPLLGESKELDGFYVAEAVWVTHSAGVAKAMAELLTTGRSETDLGECDITRFEDVQLTP
EYVSETSQQNFVEIYDVLHPLQPRLSPRNLRVSPFHARHKELGAFFLEAGGWERPYWFEANAALLKEMPAEWLPPARDAW
SGMFSSPIAAAEAWKTRTAVAMYDMTPLKRLEVSGPGALKLLQELTTADLAKKPGAVTYTLLLDHAGGVRSDITVARLSE
DTFQLGANGNIDTAYFERAARHQTQSGSATDWVQVRDTTGGTCCIGLWGPLARDLVSKVSDDDFTNDGLKYFRAKNVVIG
GIPVTAMRLSYVGELGWELYTSADNGQRLWDALWQAGQPFGVIAAGRAAFSSLRLEKGYRSWGTDMTTEHDPFEAGLGFA
VKMAKESFIGKGALEGRTEEASARRLRCLTIDDGRSIVLGKEPVFYKEQAVGYVTSAAYGYTVAKPIAYSYLPGTVSVGD
SVDIEYFGRRITATVTEDPLYDPKMTRLRG
;
_entity_poly.pdbx_strand_id   A
#
loop_
_chem_comp.id
_chem_comp.type
_chem_comp.name
_chem_comp.formula
FAD non-polymer 'FLAVIN-ADENINE DINUCLEOTIDE' 'C27 H33 N9 O15 P2'
FFO non-polymer 'N-[4-({[(6S)-2-amino-5-formyl-4-oxo-3,4,5,6,7,8-hexahydropteridin-6-yl]methyl}amino)benzoyl]-L-glutamic acid' 'C20 H23 N7 O7'
NA non-polymer 'SODIUM ION' 'Na 1'
#
# COMPACT_ATOMS: atom_id res chain seq x y z
N THR A 4 -10.10 15.32 -27.50
CA THR A 4 -9.50 14.39 -26.45
C THR A 4 -10.07 12.99 -26.67
N PRO A 5 -9.46 11.98 -26.06
CA PRO A 5 -9.81 10.59 -26.29
C PRO A 5 -11.23 10.28 -25.93
N ARG A 6 -11.81 9.29 -26.61
CA ARG A 6 -13.15 8.80 -26.31
C ARG A 6 -13.08 7.84 -25.15
N ILE A 7 -13.76 8.26 -24.10
CA ILE A 7 -13.76 7.56 -22.83
C ILE A 7 -15.14 7.00 -22.58
N VAL A 8 -15.16 5.75 -22.20
CA VAL A 8 -16.35 5.14 -21.64
C VAL A 8 -16.08 4.73 -20.20
N ILE A 9 -16.93 5.23 -19.30
CA ILE A 9 -16.91 4.80 -17.91
C ILE A 9 -17.98 3.75 -17.63
N ILE A 10 -17.61 2.62 -17.02
CA ILE A 10 -18.63 1.63 -16.72
C ILE A 10 -18.97 1.77 -15.22
N GLY A 11 -20.23 2.12 -14.94
CA GLY A 11 -20.69 2.41 -13.58
C GLY A 11 -21.01 3.90 -13.28
N ALA A 12 -22.22 4.17 -12.81
CA ALA A 12 -22.58 5.54 -12.42
C ALA A 12 -22.77 5.53 -10.92
N GLY A 13 -21.89 4.79 -10.24
CA GLY A 13 -21.77 4.94 -8.79
C GLY A 13 -21.06 6.24 -8.39
N ILE A 14 -20.77 6.39 -7.09
CA ILE A 14 -20.03 7.55 -6.61
C ILE A 14 -18.62 7.62 -7.26
N VAL A 15 -18.06 6.45 -7.62
CA VAL A 15 -16.74 6.47 -8.25
C VAL A 15 -16.85 6.97 -9.69
N GLY A 16 -17.71 6.35 -10.50
CA GLY A 16 -17.75 6.67 -11.91
C GLY A 16 -18.26 8.10 -12.16
N THR A 17 -19.20 8.59 -11.35
CA THR A 17 -19.67 9.94 -11.62
C THR A 17 -18.67 11.00 -11.14
N ASN A 18 -18.02 10.75 -9.98
CA ASN A 18 -16.87 11.61 -9.66
C ASN A 18 -15.77 11.61 -10.70
N LEU A 19 -15.44 10.45 -11.26
CA LEU A 19 -14.45 10.37 -12.32
C LEU A 19 -14.87 11.18 -13.57
N ALA A 20 -16.10 11.01 -14.03
CA ALA A 20 -16.64 11.89 -15.11
C ALA A 20 -16.39 13.34 -14.79
N ASP A 21 -16.78 13.72 -13.56
CA ASP A 21 -16.60 15.07 -13.08
C ASP A 21 -15.12 15.53 -13.06
N GLU A 22 -14.25 14.70 -12.48
CA GLU A 22 -12.84 15.08 -12.42
C GLU A 22 -12.20 15.18 -13.83
N LEU A 23 -12.71 14.42 -14.81
CA LEU A 23 -12.21 14.51 -16.21
C LEU A 23 -12.70 15.79 -16.89
N VAL A 24 -13.97 16.08 -16.68
CA VAL A 24 -14.53 17.28 -17.26
C VAL A 24 -13.74 18.52 -16.88
N THR A 25 -13.53 18.72 -15.59
CA THR A 25 -12.92 19.96 -15.17
C THR A 25 -11.51 20.04 -15.68
N ARG A 26 -10.99 18.91 -16.16
CA ARG A 26 -9.66 18.91 -16.74
C ARG A 26 -9.77 18.99 -18.27
N GLY A 27 -10.95 19.32 -18.78
CA GLY A 27 -11.10 19.52 -20.22
C GLY A 27 -11.41 18.29 -21.05
N TRP A 28 -11.54 17.14 -20.39
CA TRP A 28 -11.91 15.92 -21.06
C TRP A 28 -13.38 15.65 -20.84
N ASN A 29 -14.15 15.93 -21.87
CA ASN A 29 -15.57 15.73 -21.80
C ASN A 29 -16.15 14.75 -22.83
N ASN A 30 -15.33 14.11 -23.66
CA ASN A 30 -15.82 13.06 -24.58
C ASN A 30 -16.10 11.73 -23.84
N ILE A 31 -17.06 11.81 -22.92
CA ILE A 31 -17.28 10.69 -22.02
C ILE A 31 -18.69 10.15 -22.16
N THR A 32 -18.76 8.84 -22.28
CA THR A 32 -19.99 8.12 -22.06
C THR A 32 -19.92 7.35 -20.77
N VAL A 33 -20.92 7.54 -19.91
CA VAL A 33 -21.05 6.79 -18.68
C VAL A 33 -22.17 5.76 -18.79
N LEU A 34 -21.84 4.47 -18.68
CA LEU A 34 -22.83 3.40 -18.72
C LEU A 34 -23.22 2.84 -17.35
N ASP A 35 -24.51 2.58 -17.18
CA ASP A 35 -24.96 1.81 -16.00
C ASP A 35 -26.18 0.99 -16.32
N GLN A 36 -26.23 -0.25 -15.80
CA GLN A 36 -27.27 -1.19 -16.10
C GLN A 36 -28.53 -0.87 -15.30
N GLY A 37 -28.40 -0.08 -14.23
CA GLY A 37 -29.55 0.40 -13.51
C GLY A 37 -30.05 1.73 -14.03
N PRO A 38 -31.18 2.22 -13.54
CA PRO A 38 -31.71 3.49 -14.04
C PRO A 38 -30.85 4.60 -13.47
N LEU A 39 -30.68 5.64 -14.25
CA LEU A 39 -29.88 6.78 -13.83
C LEU A 39 -30.33 7.44 -12.54
N ASN A 40 -31.64 7.42 -12.31
CA ASN A 40 -32.18 8.05 -11.11
C ASN A 40 -31.81 7.31 -9.80
N MET A 41 -31.43 6.02 -9.89
CA MET A 41 -31.07 5.23 -8.72
C MET A 41 -30.36 3.99 -9.19
N PRO A 42 -29.12 4.11 -9.59
CA PRO A 42 -28.46 2.98 -10.30
C PRO A 42 -28.51 1.67 -9.56
N GLY A 43 -28.41 1.66 -8.24
CA GLY A 43 -28.71 0.42 -7.52
C GLY A 43 -27.49 -0.42 -7.13
N GLY A 44 -26.29 0.09 -7.37
CA GLY A 44 -25.08 -0.45 -6.75
C GLY A 44 -24.93 -0.05 -5.27
N SER A 45 -23.74 -0.25 -4.71
CA SER A 45 -23.52 -0.04 -3.31
C SER A 45 -23.75 1.45 -2.99
N THR A 46 -23.47 2.33 -3.93
CA THR A 46 -23.66 3.76 -3.60
C THR A 46 -25.12 4.05 -3.22
N SER A 47 -26.06 3.35 -3.86
CA SER A 47 -27.51 3.51 -3.58
C SER A 47 -27.97 3.07 -2.19
N HIS A 48 -27.13 2.32 -1.48
CA HIS A 48 -27.50 2.06 -0.11
C HIS A 48 -26.53 2.55 0.99
N ALA A 49 -25.43 3.20 0.67
CA ALA A 49 -24.44 3.48 1.71
C ALA A 49 -25.01 4.53 2.70
N PRO A 50 -24.77 4.36 4.00
CA PRO A 50 -25.13 5.37 4.99
C PRO A 50 -24.18 6.58 5.00
N GLY A 51 -22.98 6.45 4.44
CA GLY A 51 -22.22 7.65 4.18
C GLY A 51 -21.40 8.17 5.32
N LEU A 52 -21.06 7.29 6.28
CA LEU A 52 -20.05 7.74 7.26
C LEU A 52 -18.64 7.95 6.65
N VAL A 53 -18.00 9.07 6.99
CA VAL A 53 -16.71 9.38 6.45
C VAL A 53 -15.77 9.70 7.61
N PHE A 54 -14.89 8.74 7.92
CA PHE A 54 -13.84 8.97 8.92
C PHE A 54 -12.58 9.11 8.12
N GLN A 55 -11.98 10.29 8.16
CA GLN A 55 -10.81 10.55 7.35
C GLN A 55 -9.57 9.90 7.84
N THR A 56 -9.38 9.90 9.14
CA THR A 56 -8.11 9.46 9.70
C THR A 56 -7.86 7.99 9.27
N ASN A 57 -6.63 7.66 8.87
CA ASN A 57 -6.34 6.37 8.25
C ASN A 57 -4.85 6.13 8.42
N PRO A 58 -4.40 4.89 8.67
CA PRO A 58 -2.97 4.61 8.71
C PRO A 58 -2.32 4.97 7.35
N SER A 59 -3.09 4.98 6.28
CA SER A 59 -2.48 5.29 4.99
C SER A 59 -2.60 6.77 4.60
N LYS A 60 -1.45 7.41 4.35
CA LYS A 60 -1.37 8.79 3.93
C LYS A 60 -2.25 9.11 2.67
N THR A 61 -2.14 8.28 1.64
CA THR A 61 -2.93 8.38 0.43
C THR A 61 -4.44 8.27 0.73
N MET A 62 -4.83 7.23 1.48
CA MET A 62 -6.24 7.06 1.80
C MET A 62 -6.70 8.27 2.57
N ALA A 63 -5.87 8.74 3.52
CA ALA A 63 -6.29 9.90 4.29
C ALA A 63 -6.45 11.15 3.37
N SER A 64 -5.55 11.33 2.41
CA SER A 64 -5.72 12.50 1.52
C SER A 64 -6.93 12.31 0.64
N PHE A 65 -7.26 11.07 0.26
CA PHE A 65 -8.47 10.78 -0.54
C PHE A 65 -9.73 11.18 0.22
N ALA A 66 -9.71 10.96 1.53
CA ALA A 66 -10.90 11.20 2.33
C ALA A 66 -11.05 12.70 2.56
N LYS A 67 -9.92 13.36 2.84
CA LYS A 67 -9.88 14.80 3.01
C LYS A 67 -10.43 15.49 1.76
N TYR A 68 -10.05 15.00 0.59
CA TYR A 68 -10.54 15.58 -0.66
C TYR A 68 -12.02 15.30 -0.85
N THR A 69 -12.44 14.10 -0.46
CA THR A 69 -13.84 13.76 -0.59
C THR A 69 -14.70 14.67 0.31
N VAL A 70 -14.25 14.92 1.53
CA VAL A 70 -15.00 15.82 2.45
C VAL A 70 -15.13 17.24 1.81
N GLU A 71 -14.00 17.76 1.30
CA GLU A 71 -13.93 19.08 0.66
C GLU A 71 -14.89 19.12 -0.55
N LYS A 72 -14.88 18.10 -1.37
CA LYS A 72 -15.65 18.14 -2.57
C LYS A 72 -17.16 18.01 -2.26
N LEU A 73 -17.49 17.14 -1.34
CA LEU A 73 -18.89 16.94 -1.04
C LEU A 73 -19.49 18.15 -0.39
N LEU A 74 -18.71 18.84 0.42
CA LEU A 74 -19.16 20.09 1.04
C LEU A 74 -19.42 21.17 -0.03
N SER A 75 -18.67 21.16 -1.13
CA SER A 75 -18.81 22.17 -2.20
C SER A 75 -19.90 21.79 -3.20
N LEU A 76 -20.35 20.53 -3.11
CA LEU A 76 -21.30 19.96 -4.03
C LEU A 76 -22.66 20.25 -3.48
N THR A 77 -23.30 21.28 -4.05
CA THR A 77 -24.50 21.84 -3.45
C THR A 77 -25.55 22.22 -4.51
N GLU A 78 -26.82 22.18 -4.10
CA GLU A 78 -27.96 22.67 -4.88
C GLU A 78 -29.13 22.99 -3.92
N ASP A 79 -29.90 24.05 -4.25
CA ASP A 79 -30.93 24.63 -3.36
C ASP A 79 -30.40 24.87 -1.95
N GLY A 80 -29.16 25.34 -1.88
CA GLY A 80 -28.46 25.62 -0.62
C GLY A 80 -28.18 24.45 0.33
N VAL A 81 -28.31 23.22 -0.17
CA VAL A 81 -28.02 22.01 0.62
C VAL A 81 -26.83 21.26 -0.06
N SER A 82 -25.69 21.19 0.65
CA SER A 82 -24.52 20.45 0.18
C SER A 82 -24.70 18.92 0.24
N CYS A 83 -23.68 18.16 -0.17
CA CYS A 83 -23.72 16.70 -0.01
C CYS A 83 -22.85 16.19 1.16
N PHE A 84 -22.51 17.06 2.10
CA PHE A 84 -21.81 16.65 3.30
C PHE A 84 -22.41 17.36 4.51
N ASN A 85 -22.66 16.57 5.53
CA ASN A 85 -23.18 17.11 6.78
C ASN A 85 -22.06 16.85 7.82
N GLN A 86 -21.40 17.96 8.15
CA GLN A 86 -20.13 17.90 8.86
C GLN A 86 -20.32 17.89 10.38
N VAL A 87 -20.91 16.81 10.88
CA VAL A 87 -21.21 16.64 12.28
C VAL A 87 -19.96 16.22 13.05
N GLY A 88 -18.87 15.90 12.36
CA GLY A 88 -17.69 15.40 13.08
C GLY A 88 -17.81 13.91 13.20
N GLY A 89 -16.79 13.27 13.79
CA GLY A 89 -16.81 11.85 14.04
C GLY A 89 -16.13 11.57 15.34
N LEU A 90 -16.61 10.52 16.02
CA LEU A 90 -16.07 10.15 17.30
C LEU A 90 -15.90 8.63 17.27
N GLU A 91 -14.69 8.15 17.59
CA GLU A 91 -14.45 6.72 17.82
C GLU A 91 -14.23 6.53 19.33
N VAL A 92 -14.98 5.65 19.95
CA VAL A 92 -14.83 5.42 21.36
C VAL A 92 -14.05 4.13 21.61
N ALA A 93 -13.32 4.13 22.70
CA ALA A 93 -12.59 2.97 23.17
C ALA A 93 -13.27 2.38 24.41
N THR A 94 -13.57 1.08 24.40
CA THR A 94 -14.09 0.39 25.59
C THR A 94 -13.09 -0.62 26.18
N THR A 95 -11.89 -0.63 25.63
CA THR A 95 -10.83 -1.40 26.21
C THR A 95 -9.57 -0.58 26.20
N GLU A 96 -8.64 -0.97 27.08
CA GLU A 96 -7.29 -0.41 27.10
C GLU A 96 -6.56 -0.53 25.77
N THR A 97 -6.69 -1.64 25.04
CA THR A 97 -6.05 -1.87 23.74
C THR A 97 -6.55 -0.82 22.74
N ARG A 98 -7.83 -0.57 22.73
CA ARG A 98 -8.37 0.42 21.81
C ARG A 98 -7.92 1.81 22.22
N LEU A 99 -7.92 2.12 23.52
CA LEU A 99 -7.53 3.47 23.97
C LEU A 99 -6.11 3.78 23.54
N ALA A 100 -5.22 2.80 23.75
CA ALA A 100 -3.85 2.96 23.23
C ALA A 100 -3.86 3.18 21.74
N ASP A 101 -4.65 2.42 21.01
CA ASP A 101 -4.69 2.59 19.54
C ASP A 101 -5.26 3.96 19.07
N LEU A 102 -6.15 4.56 19.85
CA LEU A 102 -6.66 5.91 19.48
C LEU A 102 -5.53 6.92 19.57
N LYS A 103 -4.62 6.71 20.51
CA LYS A 103 -3.43 7.58 20.58
C LYS A 103 -2.55 7.46 19.32
N ARG A 104 -2.34 6.22 18.84
CA ARG A 104 -1.69 6.01 17.54
C ARG A 104 -2.44 6.66 16.41
N LYS A 105 -3.77 6.62 16.44
CA LYS A 105 -4.56 7.21 15.38
C LYS A 105 -4.53 8.73 15.36
N LEU A 106 -4.42 9.32 16.54
CA LEU A 106 -4.23 10.74 16.67
C LEU A 106 -2.91 11.10 16.05
N GLY A 107 -1.93 10.20 16.21
CA GLY A 107 -0.66 10.33 15.51
C GLY A 107 -0.82 10.39 13.99
N TYR A 108 -1.60 9.48 13.42
CA TYR A 108 -1.92 9.54 11.97
C TYR A 108 -2.53 10.86 11.59
N ALA A 109 -3.55 11.27 12.36
CA ALA A 109 -4.21 12.56 12.11
C ALA A 109 -3.19 13.65 11.94
N ALA A 110 -2.29 13.83 12.92
CA ALA A 110 -1.36 14.92 12.81
C ALA A 110 -0.43 14.71 11.61
N ALA A 111 -0.07 13.44 11.34
CA ALA A 111 0.84 13.14 10.25
C ALA A 111 0.25 13.56 8.94
N TRP A 112 -1.04 13.31 8.79
CA TRP A 112 -1.70 13.57 7.51
C TRP A 112 -2.46 14.90 7.50
N GLY A 113 -2.29 15.71 8.52
CA GLY A 113 -2.90 17.04 8.52
C GLY A 113 -4.39 17.06 8.75
N ILE A 114 -4.87 16.15 9.58
CA ILE A 114 -6.27 16.14 10.01
C ILE A 114 -6.35 16.56 11.45
N GLU A 115 -7.15 17.60 11.75
CA GLU A 115 -7.34 18.06 13.14
C GLU A 115 -8.22 17.11 13.98
N GLY A 116 -7.71 16.70 15.13
CA GLY A 116 -8.46 15.82 16.01
C GLY A 116 -7.97 15.93 17.44
N ARG A 117 -8.75 15.38 18.36
CA ARG A 117 -8.38 15.40 19.78
C ARG A 117 -8.80 14.07 20.39
N LEU A 118 -8.12 13.70 21.46
CA LEU A 118 -8.51 12.59 22.31
C LEU A 118 -9.43 13.13 23.38
N LEU A 119 -10.55 12.45 23.56
CA LEU A 119 -11.47 12.89 24.61
C LEU A 119 -11.42 11.95 25.79
N SER A 120 -11.46 12.55 26.99
CA SER A 120 -11.64 11.83 28.26
C SER A 120 -13.08 11.25 28.29
N PRO A 121 -13.34 10.29 29.18
CA PRO A 121 -14.69 9.76 29.32
C PRO A 121 -15.72 10.86 29.56
N ALA A 122 -15.45 11.77 30.47
CA ALA A 122 -16.35 12.92 30.67
C ALA A 122 -16.61 13.79 29.44
N GLU A 123 -15.56 14.15 28.73
CA GLU A 123 -15.73 14.90 27.50
C GLU A 123 -16.48 14.09 26.47
N CYS A 124 -16.32 12.76 26.46
CA CYS A 124 -17.12 11.96 25.53
C CYS A 124 -18.58 12.09 25.85
N GLN A 125 -18.92 12.03 27.15
CA GLN A 125 -20.33 12.17 27.62
C GLN A 125 -20.90 13.55 27.23
N GLU A 126 -20.08 14.59 27.30
CA GLU A 126 -20.49 15.94 26.98
C GLU A 126 -20.77 16.08 25.47
N LEU A 127 -19.97 15.42 24.63
CA LEU A 127 -20.18 15.44 23.20
C LEU A 127 -21.31 14.51 22.74
N TYR A 128 -21.49 13.41 23.44
CA TYR A 128 -22.41 12.40 22.95
C TYR A 128 -23.13 11.85 24.17
N PRO A 129 -24.04 12.64 24.78
CA PRO A 129 -24.70 12.23 26.06
C PRO A 129 -25.39 10.89 26.05
N LEU A 130 -25.81 10.39 24.89
CA LEU A 130 -26.42 9.09 24.83
C LEU A 130 -25.51 7.91 25.22
N LEU A 131 -24.19 8.13 25.22
CA LEU A 131 -23.24 7.06 25.56
C LEU A 131 -23.44 6.68 27.03
N ASP A 132 -23.70 5.41 27.32
CA ASP A 132 -23.58 4.90 28.69
C ASP A 132 -22.05 4.96 28.92
N GLY A 133 -21.63 5.80 29.87
CA GLY A 133 -20.23 6.14 30.04
C GLY A 133 -19.38 5.09 30.72
N GLU A 134 -20.01 4.10 31.36
CA GLU A 134 -19.34 3.10 32.19
C GLU A 134 -18.24 2.31 31.45
N ASN A 135 -18.45 1.85 30.22
CA ASN A 135 -17.25 1.23 29.65
C ASN A 135 -16.35 2.05 28.72
N ILE A 136 -16.67 3.34 28.56
CA ILE A 136 -15.95 4.30 27.69
C ILE A 136 -14.67 4.69 28.42
N LEU A 137 -13.54 4.41 27.82
CA LEU A 137 -12.27 4.82 28.41
C LEU A 137 -11.78 6.12 27.83
N GLY A 138 -12.35 6.53 26.71
CA GLY A 138 -11.84 7.63 25.93
C GLY A 138 -12.41 7.63 24.51
N GLY A 139 -12.18 8.73 23.80
CA GLY A 139 -12.65 8.84 22.44
C GLY A 139 -11.62 9.61 21.64
N LEU A 140 -11.69 9.48 20.31
CA LEU A 140 -10.94 10.28 19.37
C LEU A 140 -11.97 11.06 18.57
N HIS A 141 -11.86 12.38 18.57
CA HIS A 141 -12.90 13.24 17.98
C HIS A 141 -12.29 13.98 16.84
N VAL A 142 -12.82 13.80 15.64
CA VAL A 142 -12.34 14.56 14.48
C VAL A 142 -13.55 15.41 14.03
N PRO A 143 -13.57 16.72 14.33
CA PRO A 143 -14.67 17.62 13.91
C PRO A 143 -14.95 17.67 12.42
N SER A 144 -13.96 17.46 11.55
CA SER A 144 -14.24 17.59 10.12
C SER A 144 -14.82 16.32 9.46
N ASP A 145 -14.84 15.22 10.20
CA ASP A 145 -15.55 14.02 9.72
C ASP A 145 -17.03 14.30 9.55
N GLY A 146 -17.74 13.32 8.97
CA GLY A 146 -19.17 13.53 8.81
C GLY A 146 -19.90 12.56 7.91
N LEU A 147 -21.08 13.01 7.51
CA LEU A 147 -21.97 12.20 6.71
C LEU A 147 -22.06 12.66 5.29
N ALA A 148 -21.72 11.76 4.37
CA ALA A 148 -21.85 12.06 2.94
C ALA A 148 -23.29 11.76 2.49
N SER A 149 -23.81 12.50 1.52
CA SER A 149 -25.05 12.13 0.86
C SER A 149 -24.67 11.67 -0.51
N ALA A 150 -24.27 10.40 -0.59
CA ALA A 150 -23.65 9.89 -1.77
C ALA A 150 -24.59 9.77 -2.96
N ALA A 151 -25.81 9.27 -2.71
CA ALA A 151 -26.81 9.15 -3.78
C ALA A 151 -27.15 10.52 -4.34
N ARG A 152 -27.25 11.51 -3.48
CA ARG A 152 -27.49 12.89 -3.94
C ARG A 152 -26.27 13.45 -4.72
N ALA A 153 -25.07 13.13 -4.22
CA ALA A 153 -23.86 13.53 -4.92
C ALA A 153 -23.84 12.93 -6.31
N VAL A 154 -24.09 11.62 -6.46
CA VAL A 154 -24.22 11.04 -7.79
C VAL A 154 -25.18 11.90 -8.68
N GLN A 155 -26.37 12.25 -8.16
CA GLN A 155 -27.35 12.97 -9.03
C GLN A 155 -26.84 14.35 -9.44
N LEU A 156 -26.11 15.01 -8.57
CA LEU A 156 -25.64 16.38 -8.88
C LEU A 156 -24.40 16.30 -9.77
N LEU A 157 -23.63 15.21 -9.65
CA LEU A 157 -22.51 15.01 -10.57
C LEU A 157 -23.00 14.71 -11.99
N ILE A 158 -24.04 13.89 -12.09
CA ILE A 158 -24.64 13.57 -13.37
C ILE A 158 -25.14 14.82 -14.07
N LYS A 159 -25.89 15.63 -13.34
CA LYS A 159 -26.42 16.89 -13.88
C LYS A 159 -25.28 17.87 -14.32
N ARG A 160 -24.28 18.11 -13.46
CA ARG A 160 -23.29 19.05 -13.94
C ARG A 160 -22.35 18.53 -15.03
N THR A 161 -22.04 17.23 -15.03
CA THR A 161 -21.25 16.65 -16.13
C THR A 161 -22.05 16.58 -17.45
N GLU A 162 -23.34 16.20 -17.37
CA GLU A 162 -24.27 16.21 -18.53
C GLU A 162 -24.28 17.54 -19.33
N SER A 163 -24.31 18.65 -18.58
CA SER A 163 -24.27 20.00 -19.10
C SER A 163 -22.95 20.32 -19.76
N ALA A 164 -21.90 19.62 -19.37
CA ALA A 164 -20.58 19.84 -19.92
C ALA A 164 -20.29 18.89 -21.08
N GLY A 165 -21.32 18.12 -21.48
CA GLY A 165 -21.17 17.26 -22.65
C GLY A 165 -21.08 15.76 -22.40
N VAL A 166 -21.10 15.35 -21.14
CA VAL A 166 -20.94 13.93 -20.85
C VAL A 166 -22.22 13.20 -21.14
N THR A 167 -22.12 12.03 -21.79
CA THR A 167 -23.33 11.23 -22.06
C THR A 167 -23.59 10.10 -21.04
N TYR A 168 -24.81 10.02 -20.47
CA TYR A 168 -25.21 8.99 -19.53
C TYR A 168 -26.20 8.08 -20.19
N ARG A 169 -25.88 6.80 -20.14
CA ARG A 169 -26.81 5.81 -20.59
C ARG A 169 -27.10 4.88 -19.45
N GLY A 170 -28.26 5.06 -18.81
CA GLY A 170 -28.74 4.12 -17.81
C GLY A 170 -29.40 2.95 -18.50
N SER A 171 -29.77 1.95 -17.72
CA SER A 171 -30.44 0.74 -18.25
C SER A 171 -29.66 0.12 -19.39
N THR A 172 -28.34 0.25 -19.31
CA THR A 172 -27.48 -0.25 -20.37
C THR A 172 -26.42 -1.21 -19.77
N THR A 173 -26.52 -2.49 -20.13
CA THR A 173 -25.68 -3.53 -19.55
C THR A 173 -24.50 -3.80 -20.45
N VAL A 174 -23.29 -3.66 -19.90
CA VAL A 174 -22.08 -4.01 -20.61
C VAL A 174 -22.01 -5.51 -20.61
N THR A 175 -21.86 -6.11 -21.78
CA THR A 175 -21.71 -7.54 -21.89
C THR A 175 -20.32 -7.95 -22.42
N GLY A 176 -19.52 -6.99 -22.84
CA GLY A 176 -18.20 -7.35 -23.27
C GLY A 176 -17.35 -6.14 -23.60
N ILE A 177 -16.10 -6.40 -23.93
CA ILE A 177 -15.17 -5.34 -24.23
C ILE A 177 -14.50 -5.74 -25.54
N GLU A 178 -14.38 -4.77 -26.47
CA GLU A 178 -13.88 -5.06 -27.79
C GLU A 178 -12.47 -4.59 -27.75
N GLN A 179 -11.59 -5.31 -28.41
CA GLN A 179 -10.19 -4.91 -28.46
C GLN A 179 -9.55 -5.32 -29.80
N SER A 180 -8.41 -4.71 -30.07
CA SER A 180 -7.68 -5.00 -31.28
C SER A 180 -6.25 -4.59 -31.05
N GLY A 181 -5.33 -5.52 -31.31
CA GLY A 181 -3.90 -5.27 -31.16
C GLY A 181 -3.49 -4.91 -29.72
N GLY A 182 -4.17 -5.51 -28.75
CA GLY A 182 -3.82 -5.31 -27.37
C GLY A 182 -4.26 -3.97 -26.80
N ARG A 183 -5.10 -3.21 -27.50
CA ARG A 183 -5.73 -2.02 -26.91
C ARG A 183 -7.27 -2.08 -26.98
N VAL A 184 -7.93 -1.38 -26.05
CA VAL A 184 -9.39 -1.39 -26.01
C VAL A 184 -9.86 -0.57 -27.20
N THR A 185 -10.93 -1.00 -27.87
CA THR A 185 -11.52 -0.16 -28.92
C THR A 185 -12.99 0.09 -28.73
N GLY A 186 -13.62 -0.63 -27.80
CA GLY A 186 -15.03 -0.39 -27.56
C GLY A 186 -15.67 -1.20 -26.46
N VAL A 187 -16.93 -0.87 -26.11
CA VAL A 187 -17.65 -1.61 -25.09
C VAL A 187 -18.88 -2.23 -25.72
N GLN A 188 -19.09 -3.54 -25.52
CA GLN A 188 -20.25 -4.24 -26.09
C GLN A 188 -21.46 -4.12 -25.22
N THR A 189 -22.59 -3.79 -25.86
CA THR A 189 -23.93 -3.95 -25.28
C THR A 189 -24.84 -4.71 -26.24
N ALA A 190 -26.02 -5.13 -25.78
CA ALA A 190 -26.97 -5.87 -26.64
C ALA A 190 -27.35 -4.95 -27.78
N ASP A 191 -27.11 -3.68 -27.57
CA ASP A 191 -27.25 -2.67 -28.61
C ASP A 191 -25.97 -2.33 -29.36
N GLY A 192 -25.16 -3.33 -29.70
CA GLY A 192 -23.92 -3.04 -30.37
C GLY A 192 -22.88 -2.27 -29.56
N VAL A 193 -21.75 -2.05 -30.22
CA VAL A 193 -20.54 -1.54 -29.63
C VAL A 193 -20.52 -0.03 -29.52
N ILE A 194 -20.05 0.47 -28.39
CA ILE A 194 -19.79 1.91 -28.14
C ILE A 194 -18.29 2.11 -28.20
N PRO A 195 -17.77 2.75 -29.26
CA PRO A 195 -16.34 2.92 -29.45
C PRO A 195 -15.67 3.59 -28.28
N ALA A 196 -14.42 3.22 -28.03
CA ALA A 196 -13.64 3.89 -26.98
C ALA A 196 -12.17 3.77 -27.24
N ASP A 197 -11.44 4.82 -26.91
CA ASP A 197 -9.99 4.78 -26.76
C ASP A 197 -9.55 4.39 -25.28
N ILE A 198 -10.36 4.76 -24.29
CA ILE A 198 -10.10 4.51 -22.87
C ILE A 198 -11.36 4.00 -22.24
N VAL A 199 -11.26 2.84 -21.57
CA VAL A 199 -12.36 2.34 -20.76
C VAL A 199 -11.94 2.31 -19.31
N VAL A 200 -12.77 2.89 -18.44
CA VAL A 200 -12.52 2.78 -17.00
C VAL A 200 -13.62 2.01 -16.33
N SER A 201 -13.28 0.82 -15.84
CA SER A 201 -14.26 0.03 -15.10
C SER A 201 -14.45 0.61 -13.73
N CYS A 202 -15.59 1.24 -13.49
CA CYS A 202 -15.95 1.76 -12.16
C CYS A 202 -17.18 0.98 -11.66
N ALA A 203 -17.05 -0.36 -11.73
CA ALA A 203 -18.21 -1.20 -11.58
C ALA A 203 -18.37 -1.77 -10.16
N GLY A 204 -17.77 -1.12 -9.15
CA GLY A 204 -17.94 -1.57 -7.78
C GLY A 204 -17.72 -3.09 -7.68
N PHE A 205 -18.66 -3.79 -7.04
CA PHE A 205 -18.43 -5.21 -6.68
C PHE A 205 -18.64 -6.14 -7.86
N TRP A 206 -19.14 -5.59 -8.96
CA TRP A 206 -19.15 -6.28 -10.26
C TRP A 206 -17.77 -6.28 -10.98
N GLY A 207 -16.78 -5.60 -10.36
CA GLY A 207 -15.42 -5.48 -10.89
C GLY A 207 -14.83 -6.76 -11.46
N ALA A 208 -15.04 -7.89 -10.77
CA ALA A 208 -14.39 -9.13 -11.22
C ALA A 208 -15.06 -9.66 -12.46
N LYS A 209 -16.37 -9.52 -12.48
CA LYS A 209 -17.13 -9.92 -13.64
C LYS A 209 -16.73 -9.07 -14.86
N ILE A 210 -16.52 -7.78 -14.66
CA ILE A 210 -16.13 -6.93 -15.78
C ILE A 210 -14.76 -7.37 -16.24
N GLY A 211 -13.89 -7.66 -15.25
CA GLY A 211 -12.50 -7.99 -15.50
C GLY A 211 -12.32 -9.25 -16.30
N ALA A 212 -13.17 -10.23 -16.04
CA ALA A 212 -13.09 -11.48 -16.79
C ALA A 212 -13.39 -11.27 -18.28
N MET A 213 -13.99 -10.13 -18.64
CA MET A 213 -14.36 -9.93 -20.02
C MET A 213 -13.09 -9.67 -20.89
N ILE A 214 -11.98 -9.29 -20.24
CA ILE A 214 -10.72 -9.11 -20.94
C ILE A 214 -9.64 -10.01 -20.36
N GLY A 215 -10.04 -10.99 -19.58
CA GLY A 215 -9.02 -11.90 -19.06
C GLY A 215 -8.22 -11.38 -17.89
N MET A 216 -8.79 -10.39 -17.15
CA MET A 216 -8.05 -9.67 -16.13
C MET A 216 -8.60 -10.11 -14.78
N ALA A 217 -7.69 -10.52 -13.90
CA ALA A 217 -8.00 -10.88 -12.54
C ALA A 217 -8.17 -9.56 -11.76
N VAL A 218 -9.35 -9.35 -11.22
CA VAL A 218 -9.61 -8.13 -10.43
C VAL A 218 -9.84 -8.67 -9.03
N PRO A 219 -8.83 -8.51 -8.16
CA PRO A 219 -8.85 -9.22 -6.88
C PRO A 219 -9.82 -8.52 -5.88
N LEU A 220 -11.12 -8.51 -6.15
CA LEU A 220 -12.05 -8.05 -5.10
C LEU A 220 -13.05 -9.21 -4.92
N LEU A 221 -13.68 -9.24 -3.75
CA LEU A 221 -14.72 -10.19 -3.47
C LEU A 221 -15.96 -9.38 -3.08
N PRO A 222 -17.13 -9.62 -3.68
CA PRO A 222 -18.38 -9.05 -3.11
C PRO A 222 -18.74 -9.75 -1.78
N LEU A 223 -19.05 -8.94 -0.76
CA LEU A 223 -19.38 -9.34 0.58
C LEU A 223 -20.55 -8.51 1.09
N ALA A 224 -21.41 -9.16 1.87
CA ALA A 224 -22.54 -8.47 2.43
C ALA A 224 -22.28 -7.95 3.80
N HIS A 225 -22.90 -6.83 4.12
CA HIS A 225 -22.62 -6.18 5.41
C HIS A 225 -23.95 -5.65 5.89
N GLN A 226 -24.27 -5.90 7.14
CA GLN A 226 -25.61 -5.55 7.62
C GLN A 226 -25.72 -4.07 8.06
N TYR A 227 -26.84 -3.44 7.69
CA TYR A 227 -27.11 -2.10 8.08
C TYR A 227 -28.60 -2.05 8.52
N VAL A 228 -28.82 -1.47 9.69
CA VAL A 228 -30.12 -1.56 10.29
C VAL A 228 -30.59 -0.14 10.70
N LYS A 229 -31.83 0.18 10.45
CA LYS A 229 -32.39 1.41 11.05
C LYS A 229 -33.40 1.04 12.15
N THR A 230 -33.35 1.76 13.27
CA THR A 230 -34.28 1.47 14.34
C THR A 230 -35.62 2.15 14.04
N THR A 231 -36.59 1.87 14.92
CA THR A 231 -37.77 2.71 14.94
C THR A 231 -37.41 4.03 15.64
N PRO A 232 -38.35 4.98 15.68
CA PRO A 232 -38.10 6.21 16.40
C PRO A 232 -37.67 5.98 17.83
N VAL A 233 -36.55 6.60 18.19
CA VAL A 233 -35.95 6.41 19.48
C VAL A 233 -36.58 7.50 20.40
N PRO A 234 -37.27 7.11 21.45
CA PRO A 234 -37.92 8.09 22.36
C PRO A 234 -37.01 9.27 22.78
N ALA A 235 -35.80 8.95 23.26
CA ALA A 235 -34.81 9.95 23.70
C ALA A 235 -34.51 10.97 22.60
N GLN A 236 -34.74 10.57 21.36
CA GLN A 236 -34.39 11.45 20.24
C GLN A 236 -35.53 12.32 19.75
N GLN A 237 -36.70 12.20 20.39
CA GLN A 237 -37.91 12.90 19.89
C GLN A 237 -37.71 14.41 19.83
N GLY A 238 -38.00 15.03 18.68
CA GLY A 238 -37.94 16.48 18.52
C GLY A 238 -36.54 17.05 18.25
N ARG A 239 -35.51 16.21 18.23
CA ARG A 239 -34.15 16.75 18.27
C ARG A 239 -33.59 17.05 16.87
N ASN A 240 -33.85 16.16 15.92
CA ASN A 240 -33.38 16.38 14.55
C ASN A 240 -34.47 16.71 13.50
N ASP A 241 -34.10 17.41 12.42
CA ASP A 241 -34.93 17.58 11.21
C ASP A 241 -35.28 16.17 10.69
N GLN A 242 -36.53 15.99 10.26
CA GLN A 242 -36.94 14.73 9.65
C GLN A 242 -36.77 14.94 8.15
N PRO A 243 -36.58 13.85 7.38
CA PRO A 243 -36.47 12.47 7.89
C PRO A 243 -35.05 11.97 8.12
N ASN A 244 -34.03 12.69 7.68
CA ASN A 244 -32.67 12.14 7.74
C ASN A 244 -31.65 13.04 8.35
N GLY A 245 -32.09 13.94 9.23
CA GLY A 245 -31.18 14.83 9.88
C GLY A 245 -30.25 14.10 10.87
N ALA A 246 -29.17 14.78 11.17
CA ALA A 246 -28.19 14.30 12.11
C ALA A 246 -27.50 15.50 12.67
N ARG A 247 -27.23 15.47 13.96
CA ARG A 247 -26.56 16.55 14.66
C ARG A 247 -25.34 16.09 15.44
N LEU A 248 -25.40 14.84 15.92
CA LEU A 248 -24.29 14.24 16.66
C LEU A 248 -23.22 13.72 15.68
N PRO A 249 -21.97 13.66 16.14
CA PRO A 249 -20.91 13.08 15.32
C PRO A 249 -21.30 11.66 14.90
N ILE A 250 -20.91 11.28 13.72
CA ILE A 250 -20.88 9.87 13.41
C ILE A 250 -20.06 9.13 14.46
N LEU A 251 -20.50 7.92 14.79
CA LEU A 251 -20.00 7.21 15.97
C LEU A 251 -19.45 5.82 15.60
N ARG A 252 -18.22 5.58 16.02
CA ARG A 252 -17.57 4.29 15.78
C ARG A 252 -17.40 3.60 17.10
N HIS A 253 -17.72 2.31 17.05
CA HIS A 253 -17.60 1.47 18.24
C HIS A 253 -16.81 0.26 17.84
N GLN A 254 -15.53 0.47 17.57
CA GLN A 254 -14.73 -0.55 16.89
C GLN A 254 -14.49 -1.80 17.71
N ASP A 255 -14.58 -1.69 19.05
CA ASP A 255 -14.42 -2.90 19.83
C ASP A 255 -15.57 -3.92 19.63
N GLN A 256 -16.69 -3.48 19.07
CA GLN A 256 -17.83 -4.37 18.87
C GLN A 256 -18.24 -4.41 17.43
N ASP A 257 -17.34 -3.97 16.54
CA ASP A 257 -17.56 -4.00 15.11
C ASP A 257 -18.77 -3.19 14.64
N LEU A 258 -19.01 -2.04 15.27
CA LEU A 258 -20.28 -1.30 15.04
C LEU A 258 -20.00 0.14 14.78
N TYR A 259 -20.87 0.75 13.97
CA TYR A 259 -20.84 2.21 13.81
C TYR A 259 -22.25 2.71 13.71
N TYR A 260 -22.38 4.01 13.90
CA TYR A 260 -23.71 4.58 14.06
C TYR A 260 -23.81 5.98 13.46
N ARG A 261 -25.06 6.28 13.04
CA ARG A 261 -25.49 7.62 12.63
C ARG A 261 -26.97 7.77 12.96
N GLU A 262 -27.37 9.03 13.05
CA GLU A 262 -28.80 9.37 13.17
C GLU A 262 -29.37 9.47 11.80
N HIS A 263 -30.63 9.09 11.72
CA HIS A 263 -31.49 9.39 10.62
C HIS A 263 -32.73 10.04 11.27
N GLY A 264 -32.76 11.37 11.35
CA GLY A 264 -33.84 12.01 12.10
C GLY A 264 -33.87 11.54 13.54
N ASP A 265 -35.02 11.07 14.01
CA ASP A 265 -35.07 10.49 15.35
C ASP A 265 -34.83 8.96 15.37
N ARG A 266 -34.44 8.38 14.24
CA ARG A 266 -34.05 6.96 14.20
C ARG A 266 -32.52 6.82 14.26
N TYR A 267 -32.03 5.61 14.57
CA TYR A 267 -30.63 5.31 14.45
C TYR A 267 -30.34 4.32 13.32
N GLY A 268 -29.22 4.56 12.63
CA GLY A 268 -28.70 3.62 11.63
C GLY A 268 -27.55 2.89 12.34
N ILE A 269 -27.54 1.57 12.26
CA ILE A 269 -26.46 0.80 12.92
C ILE A 269 -25.76 -0.02 11.84
N GLY A 270 -24.46 0.17 11.70
CA GLY A 270 -23.75 -0.64 10.74
C GLY A 270 -23.02 -1.66 11.56
N SER A 271 -23.10 -2.94 11.14
CA SER A 271 -22.45 -4.01 11.87
C SER A 271 -21.57 -4.81 10.95
N TYR A 272 -20.29 -4.94 11.29
CA TYR A 272 -19.46 -6.01 10.69
C TYR A 272 -19.34 -7.24 11.65
N ALA A 273 -20.22 -7.29 12.64
CA ALA A 273 -20.15 -8.25 13.74
C ALA A 273 -20.96 -9.48 13.34
N HIS A 274 -20.58 -10.07 12.24
CA HIS A 274 -21.25 -11.22 11.70
C HIS A 274 -20.27 -11.97 10.84
N ARG A 275 -20.63 -13.19 10.48
CA ARG A 275 -19.81 -14.05 9.64
C ARG A 275 -19.65 -13.32 8.31
N PRO A 276 -18.53 -13.54 7.68
CA PRO A 276 -18.34 -13.01 6.34
C PRO A 276 -19.37 -13.61 5.44
N MET A 277 -19.89 -12.86 4.48
CA MET A 277 -21.02 -13.37 3.68
C MET A 277 -20.65 -13.15 2.24
N PRO A 278 -19.90 -14.07 1.61
CA PRO A 278 -19.57 -13.93 0.17
C PRO A 278 -20.85 -13.98 -0.69
N VAL A 279 -20.82 -13.30 -1.80
CA VAL A 279 -21.98 -13.14 -2.65
C VAL A 279 -21.52 -13.55 -4.05
N ASP A 280 -22.24 -14.48 -4.68
CA ASP A 280 -22.01 -14.78 -6.09
C ASP A 280 -22.69 -13.76 -6.99
N VAL A 281 -21.94 -12.84 -7.61
CA VAL A 281 -22.60 -11.83 -8.42
C VAL A 281 -23.43 -12.41 -9.57
N ASP A 282 -23.07 -13.58 -10.10
CA ASP A 282 -23.88 -14.23 -11.17
C ASP A 282 -25.28 -14.68 -10.74
N THR A 283 -25.50 -14.85 -9.44
CA THR A 283 -26.83 -15.19 -8.92
C THR A 283 -27.73 -14.01 -8.67
N LEU A 284 -27.27 -12.76 -8.83
CA LEU A 284 -28.10 -11.58 -8.44
C LEU A 284 -29.38 -11.38 -9.25
N GLY A 285 -29.31 -11.77 -10.53
CA GLY A 285 -30.39 -11.54 -11.48
C GLY A 285 -30.23 -10.21 -12.19
N ALA A 286 -30.72 -10.15 -13.42
CA ALA A 286 -30.75 -8.87 -14.12
C ALA A 286 -31.98 -8.10 -13.61
N TYR A 287 -31.76 -7.01 -12.88
CA TYR A 287 -32.91 -6.22 -12.46
C TYR A 287 -33.30 -5.40 -13.65
N ALA A 288 -34.56 -5.57 -14.06
CA ALA A 288 -35.24 -4.64 -14.96
C ALA A 288 -35.23 -3.26 -14.26
N PRO A 289 -34.72 -2.27 -14.99
CA PRO A 289 -34.45 -0.93 -14.42
C PRO A 289 -35.70 -0.30 -13.79
N GLU A 290 -36.84 -0.45 -14.47
CA GLU A 290 -38.11 0.09 -13.96
C GLU A 290 -38.45 -0.47 -12.58
N THR A 291 -37.86 -1.62 -12.19
CA THR A 291 -38.13 -2.25 -10.87
C THR A 291 -37.24 -1.82 -9.69
N VAL A 292 -36.12 -1.16 -9.98
CA VAL A 292 -35.21 -0.78 -8.94
C VAL A 292 -35.80 0.34 -8.07
N SER A 293 -35.85 0.11 -6.77
CA SER A 293 -36.29 1.12 -5.80
C SER A 293 -35.46 0.95 -4.51
N GLU A 294 -35.69 1.80 -3.52
CA GLU A 294 -34.84 1.82 -2.34
C GLU A 294 -34.70 0.44 -1.67
N HIS A 295 -35.73 -0.40 -1.73
CA HIS A 295 -35.63 -1.70 -1.07
C HIS A 295 -35.45 -2.82 -2.05
N HIS A 296 -35.33 -2.46 -3.31
CA HIS A 296 -35.30 -3.47 -4.35
C HIS A 296 -34.21 -3.14 -5.36
N MET A 297 -32.99 -3.52 -5.00
CA MET A 297 -31.88 -3.18 -5.84
C MET A 297 -30.85 -4.30 -5.73
N PRO A 298 -30.08 -4.51 -6.76
CA PRO A 298 -29.07 -5.59 -6.78
C PRO A 298 -28.13 -5.57 -5.57
N SER A 299 -27.79 -4.41 -5.00
CA SER A 299 -26.87 -4.39 -3.87
C SER A 299 -27.45 -4.81 -2.54
N ARG A 300 -28.76 -5.02 -2.45
CA ARG A 300 -29.36 -5.22 -1.11
C ARG A 300 -29.90 -6.62 -1.04
N LEU A 301 -29.30 -7.43 -0.18
CA LEU A 301 -29.86 -8.77 0.03
C LEU A 301 -30.74 -8.78 1.25
N ASP A 302 -31.65 -9.74 1.29
CA ASP A 302 -32.49 -9.99 2.46
C ASP A 302 -31.72 -9.91 3.78
N PHE A 303 -32.32 -9.20 4.73
CA PHE A 303 -31.80 -9.13 6.08
C PHE A 303 -31.87 -10.49 6.76
N THR A 304 -30.77 -10.83 7.46
CA THR A 304 -30.75 -12.04 8.26
C THR A 304 -30.59 -11.65 9.72
N LEU A 305 -31.74 -11.43 10.36
CA LEU A 305 -31.81 -10.93 11.73
C LEU A 305 -30.92 -11.72 12.72
N GLU A 306 -30.85 -13.03 12.51
CA GLU A 306 -30.09 -13.89 13.43
C GLU A 306 -28.67 -13.43 13.51
N ASP A 307 -28.14 -12.95 12.38
CA ASP A 307 -26.73 -12.43 12.41
C ASP A 307 -26.58 -11.13 13.18
N PHE A 308 -27.70 -10.43 13.34
CA PHE A 308 -27.62 -9.08 13.90
C PHE A 308 -27.82 -9.09 15.39
N LEU A 309 -28.38 -10.17 15.93
CA LEU A 309 -28.76 -10.15 17.36
C LEU A 309 -27.66 -9.72 18.29
N PRO A 310 -26.45 -10.27 18.14
CA PRO A 310 -25.39 -9.87 19.08
C PRO A 310 -25.04 -8.40 18.95
N ALA A 311 -25.11 -7.85 17.72
CA ALA A 311 -24.77 -6.44 17.50
C ALA A 311 -25.80 -5.57 18.20
N TRP A 312 -27.05 -6.00 18.12
CA TRP A 312 -28.18 -5.26 18.69
C TRP A 312 -28.04 -5.19 20.20
N GLU A 313 -27.72 -6.31 20.86
CA GLU A 313 -27.32 -6.26 22.28
C GLU A 313 -26.16 -5.32 22.61
N ALA A 314 -25.01 -5.43 21.91
CA ALA A 314 -23.96 -4.52 22.23
C ALA A 314 -24.39 -3.03 22.07
N THR A 315 -25.26 -2.77 21.11
CA THR A 315 -25.77 -1.43 20.81
C THR A 315 -26.51 -0.91 22.02
N LYS A 316 -27.42 -1.71 22.55
CA LYS A 316 -28.22 -1.30 23.70
C LYS A 316 -27.34 -1.04 24.90
N GLN A 317 -26.27 -1.82 25.05
CA GLN A 317 -25.24 -1.55 26.07
C GLN A 317 -24.48 -0.23 25.90
N LEU A 318 -24.06 0.02 24.68
CA LEU A 318 -23.39 1.27 24.46
C LEU A 318 -24.37 2.46 24.51
N LEU A 319 -25.55 2.32 23.92
CA LEU A 319 -26.54 3.44 23.83
C LEU A 319 -27.89 2.97 24.38
N PRO A 320 -28.09 3.00 25.70
CA PRO A 320 -29.28 2.41 26.30
C PRO A 320 -30.59 3.00 25.82
N ALA A 321 -30.58 4.28 25.42
CA ALA A 321 -31.79 4.88 24.84
C ALA A 321 -32.30 3.97 23.73
N LEU A 322 -31.42 3.20 23.09
CA LEU A 322 -31.91 2.41 21.95
C LEU A 322 -32.70 1.20 22.40
N ALA A 323 -32.57 0.83 23.65
CA ALA A 323 -33.33 -0.28 24.15
C ALA A 323 -34.84 0.01 24.12
N ASP A 324 -35.21 1.29 24.04
CA ASP A 324 -36.62 1.70 23.88
C ASP A 324 -37.02 1.94 22.43
N SER A 325 -36.21 1.44 21.51
CA SER A 325 -36.65 1.36 20.13
C SER A 325 -36.65 -0.09 19.75
N GLU A 326 -37.08 -0.38 18.53
CA GLU A 326 -36.99 -1.69 17.91
C GLU A 326 -36.26 -1.57 16.56
N ILE A 327 -35.84 -2.70 16.08
CA ILE A 327 -35.37 -2.86 14.72
C ILE A 327 -36.50 -2.62 13.71
N GLU A 328 -36.34 -1.64 12.84
CA GLU A 328 -37.38 -1.33 11.88
C GLU A 328 -37.11 -2.05 10.53
N ASP A 329 -35.94 -1.79 9.95
CA ASP A 329 -35.61 -2.37 8.65
C ASP A 329 -34.12 -2.67 8.65
N GLY A 330 -33.75 -3.78 8.04
CA GLY A 330 -32.36 -4.14 7.91
C GLY A 330 -32.18 -4.71 6.55
N PHE A 331 -30.97 -4.66 6.03
CA PHE A 331 -30.62 -5.40 4.85
C PHE A 331 -29.16 -5.87 4.97
N ASN A 332 -28.80 -6.85 4.14
CA ASN A 332 -27.44 -7.32 4.00
C ASN A 332 -26.97 -6.64 2.70
N GLY A 333 -26.15 -5.58 2.83
CA GLY A 333 -25.78 -4.82 1.67
C GLY A 333 -24.44 -5.27 1.11
N ILE A 334 -24.32 -5.33 -0.19
CA ILE A 334 -23.13 -5.88 -0.79
C ILE A 334 -22.16 -4.73 -1.10
N PHE A 335 -20.91 -4.89 -0.76
CA PHE A 335 -19.86 -4.01 -1.34
C PHE A 335 -18.58 -4.91 -1.54
N SER A 336 -17.42 -4.30 -1.74
CA SER A 336 -16.22 -5.03 -2.13
C SER A 336 -15.24 -5.05 -1.01
N PHE A 337 -14.54 -6.17 -0.96
CA PHE A 337 -13.35 -6.26 -0.17
C PHE A 337 -12.19 -6.81 -0.99
N THR A 338 -10.96 -6.55 -0.55
CA THR A 338 -9.77 -6.93 -1.25
C THR A 338 -8.83 -7.56 -0.25
N PRO A 339 -7.85 -8.30 -0.76
CA PRO A 339 -6.93 -9.05 0.07
C PRO A 339 -6.23 -8.22 1.09
N ASP A 340 -5.91 -6.97 0.79
CA ASP A 340 -5.15 -6.17 1.72
C ASP A 340 -5.92 -4.91 2.15
N GLY A 341 -7.20 -4.77 1.76
CA GLY A 341 -7.97 -3.64 2.18
C GLY A 341 -7.78 -2.37 1.34
N GLY A 342 -6.84 -2.38 0.38
CA GLY A 342 -6.59 -1.25 -0.49
C GLY A 342 -7.56 -1.32 -1.68
N PRO A 343 -7.83 -0.18 -2.34
CA PRO A 343 -8.63 -0.23 -3.56
C PRO A 343 -7.80 -0.78 -4.70
N LEU A 344 -8.43 -0.83 -5.88
CA LEU A 344 -7.78 -1.39 -7.05
C LEU A 344 -7.81 -0.40 -8.12
N LEU A 345 -6.66 0.23 -8.40
CA LEU A 345 -6.65 1.29 -9.40
C LEU A 345 -5.61 1.04 -10.49
N GLY A 346 -5.85 1.64 -11.68
CA GLY A 346 -4.81 1.74 -12.68
C GLY A 346 -5.07 0.98 -13.95
N GLU A 347 -4.10 1.04 -14.86
CA GLU A 347 -4.20 0.39 -16.16
C GLU A 347 -4.04 -1.12 -16.02
N SER A 348 -4.93 -1.86 -16.63
CA SER A 348 -4.71 -3.29 -16.67
C SER A 348 -3.43 -3.76 -17.35
N LYS A 349 -2.99 -4.92 -16.94
CA LYS A 349 -1.86 -5.58 -17.57
C LYS A 349 -2.29 -6.13 -18.91
N GLU A 350 -3.55 -6.54 -19.02
CA GLU A 350 -4.00 -7.29 -20.18
C GLU A 350 -4.33 -6.38 -21.37
N LEU A 351 -4.75 -5.13 -21.13
CA LEU A 351 -5.35 -4.39 -22.20
C LEU A 351 -5.01 -2.94 -22.05
N ASP A 352 -4.31 -2.40 -23.06
CA ASP A 352 -3.98 -0.99 -23.10
C ASP A 352 -5.24 -0.14 -23.18
N GLY A 353 -5.25 0.95 -22.42
CA GLY A 353 -6.37 1.87 -22.36
C GLY A 353 -7.53 1.44 -21.46
N PHE A 354 -7.42 0.26 -20.87
CA PHE A 354 -8.51 -0.26 -20.03
C PHE A 354 -8.04 -0.10 -18.56
N TYR A 355 -8.78 0.64 -17.74
CA TYR A 355 -8.38 0.94 -16.38
C TYR A 355 -9.47 0.49 -15.39
N VAL A 356 -9.08 0.33 -14.12
CA VAL A 356 -10.04 0.05 -13.06
C VAL A 356 -10.01 1.12 -11.99
N ALA A 357 -11.12 1.36 -11.31
CA ALA A 357 -11.11 2.20 -10.11
C ALA A 357 -12.20 1.58 -9.28
N GLU A 358 -11.82 0.52 -8.56
CA GLU A 358 -12.78 -0.38 -7.95
C GLU A 358 -12.39 -0.72 -6.53
N ALA A 359 -13.38 -1.07 -5.71
CA ALA A 359 -13.21 -1.40 -4.33
C ALA A 359 -12.84 -0.12 -3.56
N VAL A 360 -13.78 0.86 -3.62
CA VAL A 360 -13.51 2.21 -3.10
C VAL A 360 -14.70 2.55 -2.28
N TRP A 361 -14.44 2.94 -1.05
CA TRP A 361 -15.48 3.36 -0.16
C TRP A 361 -16.00 4.76 -0.58
N VAL A 362 -17.22 5.09 -0.15
CA VAL A 362 -17.68 6.47 -0.39
C VAL A 362 -16.66 7.45 0.15
N THR A 363 -16.10 7.09 1.32
CA THR A 363 -15.09 7.95 2.01
C THR A 363 -13.90 8.47 1.14
N HIS A 364 -13.48 7.61 0.21
CA HIS A 364 -12.29 7.86 -0.63
C HIS A 364 -12.60 8.15 -2.10
N SER A 365 -13.88 8.05 -2.44
CA SER A 365 -14.36 8.17 -3.81
C SER A 365 -13.83 9.37 -4.65
N ALA A 366 -13.98 10.59 -4.15
CA ALA A 366 -13.59 11.77 -4.90
C ALA A 366 -12.08 11.73 -5.04
N GLY A 367 -11.43 11.23 -4.02
CA GLY A 367 -9.99 11.15 -4.05
C GLY A 367 -9.46 10.20 -5.12
N VAL A 368 -10.12 9.06 -5.23
CA VAL A 368 -9.70 8.08 -6.17
C VAL A 368 -10.02 8.66 -7.55
N ALA A 369 -11.19 9.28 -7.68
CA ALA A 369 -11.61 9.84 -8.99
C ALA A 369 -10.57 10.87 -9.48
N LYS A 370 -10.15 11.73 -8.58
CA LYS A 370 -9.16 12.72 -8.91
C LYS A 370 -7.82 12.12 -9.30
N ALA A 371 -7.33 11.15 -8.53
CA ALA A 371 -6.11 10.45 -8.97
C ALA A 371 -6.24 9.79 -10.34
N MET A 372 -7.39 9.17 -10.59
CA MET A 372 -7.58 8.50 -11.86
C MET A 372 -7.64 9.51 -12.98
N ALA A 373 -8.26 10.65 -12.72
CA ALA A 373 -8.35 11.71 -13.73
C ALA A 373 -6.94 12.26 -14.05
N GLU A 374 -6.10 12.36 -13.03
CA GLU A 374 -4.73 12.82 -13.24
C GLU A 374 -4.02 11.74 -14.03
N LEU A 375 -4.20 10.49 -13.61
CA LEU A 375 -3.54 9.43 -14.34
C LEU A 375 -3.90 9.52 -15.83
N LEU A 376 -5.17 9.61 -16.14
CA LEU A 376 -5.68 9.54 -17.52
C LEU A 376 -5.22 10.72 -18.37
N THR A 377 -5.34 11.91 -17.80
CA THR A 377 -5.02 13.11 -18.57
C THR A 377 -3.53 13.50 -18.62
N THR A 378 -2.73 13.10 -17.62
CA THR A 378 -1.36 13.58 -17.56
C THR A 378 -0.38 12.45 -17.55
N GLY A 379 -0.86 11.22 -17.35
CA GLY A 379 0.05 10.12 -17.30
C GLY A 379 0.47 9.78 -15.88
N ARG A 380 0.11 10.61 -14.91
CA ARG A 380 0.43 10.26 -13.54
C ARG A 380 -0.55 10.85 -12.59
N SER A 381 -0.63 10.25 -11.41
CA SER A 381 -1.45 10.73 -10.32
C SER A 381 -0.55 11.58 -9.47
N GLU A 382 -1.08 12.69 -8.96
CA GLU A 382 -0.40 13.52 -7.98
C GLU A 382 -0.25 12.91 -6.59
N THR A 383 -0.93 11.80 -6.36
CA THR A 383 -0.87 11.12 -5.07
C THR A 383 -0.25 9.73 -5.28
N ASP A 384 0.65 9.30 -4.41
CA ASP A 384 1.28 7.99 -4.55
C ASP A 384 0.23 6.87 -4.63
N LEU A 385 0.23 6.06 -5.71
CA LEU A 385 -0.72 4.94 -5.78
C LEU A 385 -0.08 3.55 -5.49
N GLY A 386 1.09 3.54 -4.88
CA GLY A 386 1.73 2.28 -4.57
C GLY A 386 0.82 1.24 -3.91
N GLU A 387 -0.01 1.65 -2.98
CA GLU A 387 -0.85 0.69 -2.27
C GLU A 387 -2.22 0.44 -2.87
N CYS A 388 -2.54 1.16 -3.96
CA CYS A 388 -3.80 1.09 -4.68
C CYS A 388 -3.66 0.49 -6.10
N ASP A 389 -2.47 0.48 -6.66
CA ASP A 389 -2.27 0.03 -8.05
C ASP A 389 -2.67 -1.42 -8.14
N ILE A 390 -3.49 -1.75 -9.12
CA ILE A 390 -3.94 -3.13 -9.34
C ILE A 390 -2.73 -4.04 -9.56
N THR A 391 -1.64 -3.49 -10.07
CA THR A 391 -0.52 -4.37 -10.44
C THR A 391 0.37 -4.66 -9.22
N ARG A 392 0.02 -4.19 -8.03
CA ARG A 392 0.85 -4.58 -6.87
C ARG A 392 0.84 -6.06 -6.54
N PHE A 393 -0.16 -6.79 -7.02
CA PHE A 393 -0.31 -8.17 -6.57
C PHE A 393 0.58 -9.16 -7.36
N GLU A 394 1.08 -10.17 -6.64
CA GLU A 394 1.81 -11.30 -7.17
C GLU A 394 0.82 -12.30 -7.72
N ASP A 395 1.27 -13.15 -8.65
CA ASP A 395 0.35 -14.10 -9.28
C ASP A 395 -0.45 -15.00 -8.29
N VAL A 396 0.22 -15.55 -7.27
CA VAL A 396 -0.54 -16.35 -6.32
C VAL A 396 -1.58 -15.51 -5.58
N GLN A 397 -1.42 -14.18 -5.59
CA GLN A 397 -2.38 -13.39 -4.81
C GLN A 397 -3.58 -13.04 -5.68
N LEU A 398 -3.62 -13.59 -6.89
CA LEU A 398 -4.69 -13.22 -7.81
C LEU A 398 -5.64 -14.39 -8.05
N THR A 399 -5.41 -15.55 -7.44
CA THR A 399 -6.34 -16.68 -7.69
C THR A 399 -7.66 -16.39 -7.00
N PRO A 400 -8.77 -16.83 -7.57
CA PRO A 400 -10.06 -16.65 -6.87
C PRO A 400 -9.98 -17.15 -5.43
N GLU A 401 -9.27 -18.25 -5.20
CA GLU A 401 -9.26 -18.74 -3.80
C GLU A 401 -8.50 -17.86 -2.85
N TYR A 402 -7.38 -17.32 -3.28
CA TYR A 402 -6.63 -16.38 -2.46
C TYR A 402 -7.52 -15.15 -2.20
N VAL A 403 -8.16 -14.62 -3.25
CA VAL A 403 -8.91 -13.37 -3.11
C VAL A 403 -10.07 -13.61 -2.12
N SER A 404 -10.76 -14.75 -2.28
CA SER A 404 -11.86 -15.11 -1.40
C SER A 404 -11.44 -15.24 0.08
N GLU A 405 -10.40 -16.04 0.29
CA GLU A 405 -10.02 -16.31 1.65
C GLU A 405 -9.47 -15.02 2.33
N THR A 406 -8.56 -14.30 1.66
CA THR A 406 -7.99 -13.15 2.32
C THR A 406 -8.98 -12.00 2.39
N SER A 407 -9.87 -11.87 1.40
CA SER A 407 -10.80 -10.72 1.49
C SER A 407 -11.80 -10.92 2.61
N GLN A 408 -12.12 -12.16 2.91
CA GLN A 408 -13.02 -12.48 4.02
C GLN A 408 -12.36 -12.18 5.35
N GLN A 409 -11.11 -12.61 5.51
CA GLN A 409 -10.32 -12.26 6.66
C GLN A 409 -10.17 -10.73 6.77
N ASN A 410 -10.03 -10.01 5.66
CA ASN A 410 -9.96 -8.56 5.84
C ASN A 410 -11.31 -8.00 6.38
N PHE A 411 -12.42 -8.59 5.94
CA PHE A 411 -13.74 -8.25 6.53
C PHE A 411 -13.81 -8.60 8.02
N VAL A 412 -13.31 -9.78 8.39
CA VAL A 412 -13.30 -10.22 9.78
C VAL A 412 -12.46 -9.27 10.66
N GLU A 413 -11.41 -8.68 10.09
CA GLU A 413 -10.50 -7.85 10.86
C GLU A 413 -10.66 -6.37 10.66
N ILE A 414 -11.69 -5.97 9.91
CA ILE A 414 -11.78 -4.63 9.42
C ILE A 414 -11.66 -3.60 10.56
N TYR A 415 -12.24 -3.88 11.73
CA TYR A 415 -12.22 -2.95 12.84
C TYR A 415 -11.23 -3.37 13.98
N ASP A 416 -10.28 -4.30 13.70
CA ASP A 416 -9.38 -4.77 14.75
C ASP A 416 -8.17 -3.85 14.90
N VAL A 417 -7.63 -3.79 16.12
CA VAL A 417 -6.29 -3.22 16.33
C VAL A 417 -5.25 -4.27 15.89
N LEU A 418 -4.39 -3.91 14.94
CA LEU A 418 -3.42 -4.83 14.37
C LEU A 418 -2.09 -4.14 14.26
N HIS A 419 -1.03 -4.81 14.66
CA HIS A 419 0.37 -4.39 14.51
C HIS A 419 0.74 -4.38 13.03
N PRO A 420 1.57 -3.46 12.58
CA PRO A 420 1.91 -3.43 11.15
C PRO A 420 2.61 -4.72 10.68
N LEU A 421 3.16 -5.55 11.55
CA LEU A 421 3.85 -6.77 11.05
C LEU A 421 2.99 -7.99 11.18
N GLN A 422 1.75 -7.81 11.67
CA GLN A 422 0.84 -8.96 11.96
C GLN A 422 0.69 -9.79 10.70
N PRO A 423 1.11 -11.05 10.70
CA PRO A 423 0.97 -11.94 9.56
C PRO A 423 -0.43 -12.58 9.50
N ARG A 424 -0.87 -13.02 8.35
CA ARG A 424 -2.04 -13.91 8.32
C ARG A 424 -1.60 -15.30 8.79
N LEU A 425 -2.53 -16.09 9.31
CA LEU A 425 -2.27 -17.46 9.64
C LEU A 425 -2.51 -18.39 8.45
N SER A 426 -3.27 -17.92 7.46
CA SER A 426 -3.68 -18.73 6.33
C SER A 426 -4.16 -17.78 5.23
N PRO A 427 -3.85 -17.99 3.95
CA PRO A 427 -2.99 -19.06 3.42
C PRO A 427 -1.49 -18.70 3.62
N ARG A 428 -0.70 -19.67 4.07
CA ARG A 428 0.73 -19.46 4.27
C ARG A 428 1.45 -20.53 3.42
N ASN A 429 2.77 -20.40 3.31
CA ASN A 429 3.63 -21.35 2.59
C ASN A 429 3.36 -21.42 1.09
N LEU A 430 2.93 -20.33 0.50
CA LEU A 430 2.61 -20.38 -0.94
C LEU A 430 3.89 -20.43 -1.75
N ARG A 431 4.85 -19.58 -1.38
CA ARG A 431 6.13 -19.47 -2.11
C ARG A 431 7.20 -19.61 -1.12
N VAL A 432 8.14 -20.49 -1.39
CA VAL A 432 9.29 -20.59 -0.51
C VAL A 432 10.53 -20.66 -1.35
N SER A 433 11.66 -20.22 -0.79
CA SER A 433 12.89 -20.25 -1.55
C SER A 433 13.41 -21.68 -1.45
N PRO A 434 14.44 -22.00 -2.22
CA PRO A 434 15.06 -23.35 -2.16
C PRO A 434 15.79 -23.66 -0.86
N PHE A 435 15.89 -22.68 0.03
CA PHE A 435 16.62 -22.87 1.33
C PHE A 435 15.64 -23.19 2.48
N HIS A 436 14.37 -23.38 2.15
CA HIS A 436 13.31 -23.48 3.12
C HIS A 436 13.52 -24.61 4.10
N ALA A 437 13.87 -25.83 3.63
CA ALA A 437 14.09 -26.87 4.64
C ALA A 437 15.23 -26.49 5.64
N ARG A 438 16.27 -25.79 5.12
CA ARG A 438 17.42 -25.47 5.93
C ARG A 438 17.02 -24.36 6.87
N HIS A 439 16.19 -23.44 6.40
CA HIS A 439 15.70 -22.36 7.25
C HIS A 439 14.88 -23.01 8.40
N LYS A 440 14.10 -24.04 8.09
CA LYS A 440 13.31 -24.68 9.16
C LYS A 440 14.17 -25.39 10.20
N GLU A 441 15.22 -26.10 9.74
CA GLU A 441 16.19 -26.69 10.65
C GLU A 441 16.77 -25.66 11.65
N LEU A 442 16.99 -24.43 11.17
CA LEU A 442 17.58 -23.40 11.97
C LEU A 442 16.54 -22.57 12.76
N GLY A 443 15.27 -23.03 12.79
CA GLY A 443 14.26 -22.34 13.58
C GLY A 443 13.86 -20.95 13.06
N ALA A 444 13.77 -20.84 11.73
CA ALA A 444 13.33 -19.63 11.09
C ALA A 444 11.99 -19.19 11.69
N PHE A 445 11.85 -17.90 12.00
CA PHE A 445 10.54 -17.32 12.31
C PHE A 445 10.14 -16.61 11.03
N PHE A 446 9.06 -17.09 10.36
CA PHE A 446 8.72 -16.65 9.00
C PHE A 446 7.58 -15.64 9.10
N LEU A 447 7.71 -14.51 8.41
CA LEU A 447 6.57 -13.67 8.09
C LEU A 447 6.42 -13.77 6.57
N GLU A 448 5.36 -13.19 6.02
CA GLU A 448 5.21 -13.23 4.59
C GLU A 448 4.81 -11.94 3.94
N ALA A 449 5.23 -11.78 2.68
CA ALA A 449 4.77 -10.69 1.83
C ALA A 449 4.97 -11.18 0.35
N GLY A 450 4.02 -10.87 -0.55
CA GLY A 450 4.06 -11.26 -1.95
C GLY A 450 3.79 -12.75 -2.12
N GLY A 451 3.25 -13.40 -1.10
CA GLY A 451 3.20 -14.85 -1.01
C GLY A 451 4.49 -15.54 -0.50
N TRP A 452 5.61 -14.82 -0.44
CA TRP A 452 6.86 -15.44 0.00
C TRP A 452 6.95 -15.54 1.48
N GLU A 453 7.39 -16.72 1.98
CA GLU A 453 7.80 -16.88 3.34
C GLU A 453 9.19 -16.37 3.56
N ARG A 454 9.33 -15.48 4.52
CA ARG A 454 10.63 -14.79 4.78
C ARG A 454 11.03 -14.86 6.24
N PRO A 455 12.21 -15.42 6.55
CA PRO A 455 12.64 -15.49 7.96
C PRO A 455 12.89 -14.07 8.42
N TYR A 456 12.39 -13.74 9.61
CA TYR A 456 12.71 -12.47 10.27
C TYR A 456 13.91 -12.62 11.19
N TRP A 457 14.11 -13.82 11.70
CA TRP A 457 15.28 -14.20 12.47
C TRP A 457 15.25 -15.72 12.64
N PHE A 458 16.31 -16.24 13.22
CA PHE A 458 16.44 -17.70 13.31
C PHE A 458 16.68 -18.07 14.75
N GLU A 459 15.82 -18.91 15.27
CA GLU A 459 15.93 -19.39 16.62
C GLU A 459 17.26 -20.10 16.93
N ALA A 460 17.91 -20.77 15.96
CA ALA A 460 19.26 -21.30 16.20
C ALA A 460 20.22 -20.25 16.74
N ASN A 461 20.02 -19.01 16.35
CA ASN A 461 20.99 -18.02 16.70
C ASN A 461 20.78 -17.48 18.14
N ALA A 462 19.71 -17.92 18.82
CA ALA A 462 19.49 -17.53 20.24
C ALA A 462 20.70 -18.00 21.07
N ALA A 463 21.28 -19.13 20.70
CA ALA A 463 22.48 -19.66 21.36
C ALA A 463 23.69 -18.70 21.30
N LEU A 464 23.68 -17.76 20.38
CA LEU A 464 24.72 -16.74 20.29
C LEU A 464 24.53 -15.60 21.25
N LEU A 465 23.38 -15.48 21.89
CA LEU A 465 23.21 -14.27 22.72
C LEU A 465 24.12 -14.26 23.94
N LYS A 466 24.42 -15.42 24.50
CA LYS A 466 25.27 -15.46 25.68
C LYS A 466 26.73 -15.04 25.38
N GLU A 467 27.17 -15.22 24.14
CA GLU A 467 28.50 -14.85 23.67
C GLU A 467 28.58 -13.38 23.18
N MET A 468 27.43 -12.69 23.04
CA MET A 468 27.46 -11.37 22.38
C MET A 468 28.12 -10.28 23.27
N PRO A 469 29.01 -9.41 22.78
CA PRO A 469 29.47 -8.27 23.63
C PRO A 469 28.33 -7.42 24.05
N ALA A 470 28.35 -7.00 25.32
CA ALA A 470 27.27 -6.24 25.91
C ALA A 470 26.87 -5.03 25.05
N GLU A 471 27.83 -4.39 24.37
CA GLU A 471 27.47 -3.17 23.59
C GLU A 471 26.41 -3.47 22.50
N TRP A 472 26.18 -4.75 22.20
CA TRP A 472 25.27 -5.12 21.12
C TRP A 472 23.90 -5.42 21.72
N LEU A 473 23.84 -5.60 23.04
CA LEU A 473 22.56 -5.96 23.71
C LEU A 473 21.57 -4.79 23.72
N PRO A 474 20.40 -4.89 23.09
CA PRO A 474 19.47 -3.76 23.04
C PRO A 474 18.71 -3.64 24.35
N PRO A 475 18.15 -2.46 24.64
CA PRO A 475 17.27 -2.33 25.80
C PRO A 475 15.93 -3.05 25.63
N ALA A 476 15.19 -3.22 26.70
CA ALA A 476 13.82 -3.71 26.57
C ALA A 476 12.96 -2.87 25.60
N ARG A 477 12.02 -3.58 24.99
CA ARG A 477 11.04 -3.00 24.08
C ARG A 477 9.73 -3.04 24.79
N ASP A 478 8.92 -2.01 24.51
CA ASP A 478 7.52 -2.03 24.93
C ASP A 478 6.77 -3.15 24.17
N ALA A 479 5.53 -3.43 24.60
CA ALA A 479 4.86 -4.56 24.03
C ALA A 479 4.60 -4.35 22.56
N TRP A 480 4.26 -3.12 22.16
CA TRP A 480 3.90 -2.86 20.79
C TRP A 480 5.12 -2.99 19.89
N SER A 481 6.22 -2.29 20.19
CA SER A 481 7.39 -2.46 19.31
C SER A 481 8.06 -3.89 19.42
N GLY A 482 7.70 -4.62 20.46
CA GLY A 482 8.20 -5.95 20.69
C GLY A 482 7.44 -7.03 19.95
N MET A 483 6.30 -6.68 19.38
CA MET A 483 5.57 -7.69 18.62
C MET A 483 6.33 -8.02 17.34
N PHE A 484 6.41 -9.31 17.00
CA PHE A 484 7.11 -9.74 15.77
C PHE A 484 8.53 -9.17 15.73
N SER A 485 9.16 -9.23 16.87
CA SER A 485 10.51 -8.80 17.05
C SER A 485 11.19 -9.69 18.06
N SER A 486 12.51 -9.78 18.03
CA SER A 486 13.22 -10.63 18.92
C SER A 486 14.59 -10.02 19.21
N PRO A 487 15.05 -10.16 20.46
CA PRO A 487 16.46 -9.88 20.78
C PRO A 487 17.40 -10.66 19.83
N ILE A 488 16.91 -11.78 19.27
CA ILE A 488 17.81 -12.54 18.40
C ILE A 488 18.37 -11.72 17.26
N ALA A 489 17.61 -10.73 16.81
CA ALA A 489 18.04 -9.89 15.67
C ALA A 489 19.31 -9.09 15.99
N ALA A 490 19.52 -8.78 17.28
CA ALA A 490 20.75 -8.08 17.68
C ALA A 490 21.94 -8.98 17.36
N ALA A 491 21.83 -10.24 17.73
CA ALA A 491 22.92 -11.20 17.49
C ALA A 491 23.17 -11.32 16.01
N GLU A 492 22.12 -11.36 15.20
CA GLU A 492 22.31 -11.53 13.72
C GLU A 492 22.98 -10.29 13.08
N ALA A 493 22.69 -9.15 13.66
CA ALA A 493 23.27 -7.89 13.21
C ALA A 493 24.73 -7.85 13.62
N TRP A 494 24.98 -8.19 14.86
CA TRP A 494 26.34 -8.37 15.38
C TRP A 494 27.23 -9.28 14.49
N LYS A 495 26.74 -10.48 14.18
CA LYS A 495 27.53 -11.42 13.37
C LYS A 495 27.69 -10.91 11.92
N THR A 496 26.67 -10.20 11.41
CA THR A 496 26.79 -9.63 10.10
C THR A 496 27.90 -8.55 10.05
N ARG A 497 27.99 -7.75 11.10
CA ARG A 497 29.00 -6.69 11.21
C ARG A 497 30.40 -7.25 11.56
N THR A 498 30.49 -8.41 12.20
CA THR A 498 31.80 -8.83 12.61
C THR A 498 32.26 -10.21 12.09
N ALA A 499 31.41 -11.01 11.48
CA ALA A 499 31.84 -12.34 11.04
C ALA A 499 31.29 -12.53 9.60
N VAL A 500 30.29 -13.35 9.40
CA VAL A 500 29.72 -13.50 8.04
C VAL A 500 28.33 -14.09 8.13
N ALA A 501 27.41 -13.59 7.32
CA ALA A 501 26.01 -13.98 7.44
C ALA A 501 25.45 -14.33 6.09
N MET A 502 24.43 -15.19 6.10
CA MET A 502 23.81 -15.60 4.84
C MET A 502 22.32 -15.16 4.87
N TYR A 503 21.99 -14.19 4.03
CA TYR A 503 20.64 -13.68 3.97
C TYR A 503 19.94 -14.27 2.75
N ASP A 504 18.64 -14.58 2.89
CA ASP A 504 17.84 -15.08 1.75
C ASP A 504 17.29 -13.90 0.94
N MET A 505 17.89 -13.64 -0.21
CA MET A 505 17.49 -12.53 -1.08
C MET A 505 16.55 -12.99 -2.18
N THR A 506 16.18 -14.26 -2.15
CA THR A 506 15.30 -14.85 -3.13
C THR A 506 14.02 -14.06 -3.45
N PRO A 507 13.28 -13.54 -2.47
CA PRO A 507 12.06 -12.80 -2.83
C PRO A 507 12.29 -11.47 -3.55
N LEU A 508 13.51 -10.94 -3.61
CA LEU A 508 13.76 -9.64 -4.30
C LEU A 508 13.28 -9.76 -5.73
N LYS A 509 12.35 -8.90 -6.14
CA LYS A 509 11.87 -8.99 -7.51
C LYS A 509 13.05 -9.04 -8.51
N ARG A 510 13.01 -10.03 -9.39
CA ARG A 510 14.12 -10.23 -10.32
C ARG A 510 13.55 -10.24 -11.67
N LEU A 511 13.96 -9.33 -12.54
CA LEU A 511 13.46 -9.24 -13.91
C LEU A 511 14.59 -9.45 -14.89
N GLU A 512 14.36 -10.29 -15.90
CA GLU A 512 15.32 -10.37 -16.97
C GLU A 512 14.84 -9.55 -18.19
N VAL A 513 15.62 -8.55 -18.58
CA VAL A 513 15.24 -7.72 -19.74
C VAL A 513 16.22 -8.10 -20.85
N SER A 514 15.69 -8.62 -21.95
CA SER A 514 16.55 -9.28 -22.92
C SER A 514 16.14 -9.00 -24.38
N GLY A 515 17.10 -9.12 -25.27
CA GLY A 515 16.89 -8.79 -26.68
C GLY A 515 17.65 -7.59 -27.24
N PRO A 516 17.65 -7.41 -28.57
CA PRO A 516 18.42 -6.32 -29.18
C PRO A 516 17.93 -4.93 -28.74
N GLY A 517 16.66 -4.79 -28.30
CA GLY A 517 16.18 -3.48 -27.81
C GLY A 517 16.30 -3.27 -26.30
N ALA A 518 16.93 -4.25 -25.60
CA ALA A 518 17.05 -4.15 -24.12
C ALA A 518 17.78 -2.92 -23.65
N LEU A 519 18.98 -2.68 -24.14
CA LEU A 519 19.70 -1.48 -23.69
C LEU A 519 18.91 -0.20 -24.00
N LYS A 520 18.35 -0.11 -25.21
CA LYS A 520 17.53 1.05 -25.61
C LYS A 520 16.34 1.28 -24.66
N LEU A 521 15.64 0.21 -24.29
CA LEU A 521 14.54 0.39 -23.32
C LEU A 521 14.99 0.95 -21.97
N LEU A 522 16.06 0.34 -21.42
CA LEU A 522 16.59 0.70 -20.09
C LEU A 522 17.20 2.07 -20.09
N GLN A 523 17.93 2.42 -21.16
CA GLN A 523 18.43 3.79 -21.30
C GLN A 523 17.34 4.85 -21.26
N GLU A 524 16.17 4.55 -21.81
CA GLU A 524 15.10 5.54 -21.73
C GLU A 524 14.38 5.48 -20.35
N LEU A 525 14.20 4.29 -19.78
CA LEU A 525 13.43 4.25 -18.53
C LEU A 525 14.20 4.66 -17.30
N THR A 526 15.52 4.51 -17.31
CA THR A 526 16.30 4.69 -16.05
C THR A 526 17.11 5.97 -16.06
N THR A 527 17.72 6.32 -14.95
CA THR A 527 18.44 7.58 -14.87
C THR A 527 19.92 7.40 -15.01
N ALA A 528 20.35 6.22 -15.42
CA ALA A 528 21.76 5.87 -15.56
C ALA A 528 22.12 5.66 -17.04
N ASP A 529 23.40 5.86 -17.31
CA ASP A 529 23.92 5.52 -18.61
C ASP A 529 24.34 4.07 -18.53
N LEU A 530 23.58 3.19 -19.16
CA LEU A 530 23.79 1.76 -19.01
C LEU A 530 24.65 1.18 -20.10
N ALA A 531 25.14 2.04 -21.00
CA ALA A 531 25.87 1.58 -22.19
C ALA A 531 27.29 1.40 -21.76
N LYS A 532 27.49 0.40 -20.92
CA LYS A 532 28.80 0.02 -20.45
C LYS A 532 28.97 -1.48 -20.77
N LYS A 533 30.20 -1.87 -21.04
CA LYS A 533 30.51 -3.29 -21.24
C LYS A 533 29.87 -4.11 -20.13
N PRO A 534 29.45 -5.32 -20.43
CA PRO A 534 28.78 -6.17 -19.45
C PRO A 534 29.64 -6.40 -18.24
N GLY A 535 29.00 -6.55 -17.08
CA GLY A 535 29.71 -6.79 -15.84
C GLY A 535 29.37 -5.70 -14.85
N ALA A 536 28.77 -4.63 -15.35
CA ALA A 536 28.51 -3.47 -14.53
C ALA A 536 27.16 -3.66 -13.88
N VAL A 537 27.07 -3.25 -12.61
CA VAL A 537 25.83 -3.22 -11.86
C VAL A 537 25.67 -1.74 -11.60
N THR A 538 24.47 -1.20 -11.83
CA THR A 538 24.21 0.18 -11.59
C THR A 538 22.95 0.31 -10.73
N TYR A 539 23.08 1.05 -9.65
CA TYR A 539 21.92 1.45 -8.89
C TYR A 539 21.34 2.68 -9.59
N THR A 540 20.06 2.65 -9.92
CA THR A 540 19.47 3.73 -10.72
C THR A 540 18.00 3.89 -10.41
N LEU A 541 17.39 4.96 -10.92
CA LEU A 541 15.99 5.17 -10.59
C LEU A 541 15.14 4.97 -11.82
N LEU A 542 13.89 4.61 -11.59
CA LEU A 542 12.87 4.80 -12.63
C LEU A 542 12.03 5.99 -12.19
N LEU A 543 11.80 6.99 -13.06
CA LEU A 543 10.97 8.14 -12.69
C LEU A 543 9.74 8.12 -13.58
N ASP A 544 8.75 8.92 -13.20
CA ASP A 544 7.71 9.30 -14.12
C ASP A 544 8.08 10.60 -14.80
N HIS A 545 7.22 11.05 -15.70
CA HIS A 545 7.49 12.29 -16.45
C HIS A 545 7.52 13.52 -15.56
N ALA A 546 6.98 13.48 -14.34
CA ALA A 546 7.12 14.62 -13.47
C ALA A 546 8.36 14.54 -12.57
N GLY A 547 9.20 13.54 -12.82
CA GLY A 547 10.41 13.42 -12.05
C GLY A 547 10.22 12.67 -10.73
N GLY A 548 8.99 12.20 -10.49
CA GLY A 548 8.76 11.52 -9.24
C GLY A 548 9.41 10.14 -9.28
N VAL A 549 9.79 9.60 -8.12
CA VAL A 549 10.51 8.32 -8.12
C VAL A 549 9.56 7.15 -8.12
N ARG A 550 9.53 6.42 -9.23
CA ARG A 550 8.68 5.22 -9.29
C ARG A 550 9.36 4.06 -8.65
N SER A 551 10.69 4.10 -8.61
CA SER A 551 11.38 2.94 -8.14
C SER A 551 12.85 3.20 -8.05
N ASP A 552 13.53 2.55 -7.12
CA ASP A 552 14.99 2.42 -7.24
C ASP A 552 15.41 1.00 -7.49
N ILE A 553 16.31 0.84 -8.44
CA ILE A 553 16.53 -0.51 -9.01
C ILE A 553 18.01 -0.76 -9.16
N THR A 554 18.42 -2.03 -9.30
CA THR A 554 19.75 -2.31 -9.85
C THR A 554 19.60 -2.89 -11.22
N VAL A 555 20.54 -2.52 -12.10
CA VAL A 555 20.58 -3.07 -13.46
C VAL A 555 21.95 -3.76 -13.57
N ALA A 556 21.95 -5.06 -13.78
CA ALA A 556 23.19 -5.74 -14.07
C ALA A 556 23.18 -6.16 -15.51
N ARG A 557 24.23 -5.75 -16.19
CA ARG A 557 24.33 -6.09 -17.61
C ARG A 557 25.08 -7.42 -17.68
N LEU A 558 24.38 -8.47 -18.03
CA LEU A 558 25.00 -9.77 -18.02
C LEU A 558 25.64 -10.14 -19.36
N SER A 559 25.20 -9.49 -20.42
CA SER A 559 25.74 -9.70 -21.77
C SER A 559 25.24 -8.53 -22.60
N GLU A 560 25.65 -8.44 -23.88
CA GLU A 560 25.24 -7.34 -24.79
C GLU A 560 23.70 -7.14 -24.77
N ASP A 561 22.95 -8.24 -24.83
CA ASP A 561 21.49 -8.22 -24.96
C ASP A 561 20.74 -8.70 -23.70
N THR A 562 21.40 -8.75 -22.56
CA THR A 562 20.80 -9.39 -21.38
C THR A 562 21.08 -8.69 -20.07
N PHE A 563 20.00 -8.28 -19.40
CA PHE A 563 20.11 -7.48 -18.20
C PHE A 563 19.20 -8.10 -17.13
N GLN A 564 19.71 -8.12 -15.90
CA GLN A 564 18.98 -8.62 -14.79
C GLN A 564 18.82 -7.42 -13.89
N LEU A 565 17.57 -7.17 -13.52
CA LEU A 565 17.22 -6.02 -12.70
C LEU A 565 16.76 -6.54 -11.36
N GLY A 566 17.11 -5.84 -10.30
CA GLY A 566 16.53 -6.21 -9.02
C GLY A 566 15.54 -5.09 -8.81
N ALA A 567 14.26 -5.41 -8.69
CA ALA A 567 13.25 -4.38 -8.65
C ALA A 567 12.57 -4.34 -7.31
N ASN A 568 11.53 -3.51 -7.16
CA ASN A 568 10.72 -3.50 -5.95
C ASN A 568 9.38 -4.26 -5.88
N GLY A 569 8.88 -4.86 -6.96
CA GLY A 569 7.64 -5.63 -6.82
C GLY A 569 6.98 -5.62 -8.16
N ASN A 570 5.71 -6.03 -8.21
CA ASN A 570 5.05 -6.21 -9.46
C ASN A 570 4.50 -4.98 -10.14
N ILE A 571 4.50 -3.84 -9.48
CA ILE A 571 4.19 -2.60 -10.18
C ILE A 571 5.35 -2.37 -11.22
N ASP A 572 6.60 -2.58 -10.78
CA ASP A 572 7.74 -2.52 -11.65
C ASP A 572 7.62 -3.53 -12.79
N THR A 573 7.29 -4.78 -12.47
CA THR A 573 7.19 -5.78 -13.50
C THR A 573 6.27 -5.29 -14.58
N ALA A 574 5.06 -4.91 -14.17
CA ALA A 574 3.99 -4.48 -15.10
C ALA A 574 4.43 -3.25 -15.91
N TYR A 575 5.19 -2.40 -15.27
CA TYR A 575 5.67 -1.18 -15.91
C TYR A 575 6.62 -1.52 -17.04
N PHE A 576 7.61 -2.38 -16.75
CA PHE A 576 8.55 -2.90 -17.75
C PHE A 576 7.86 -3.66 -18.87
N GLU A 577 6.91 -4.58 -18.52
CA GLU A 577 6.18 -5.39 -19.49
C GLU A 577 5.53 -4.54 -20.63
N ARG A 578 4.82 -3.50 -20.21
CA ARG A 578 4.06 -2.66 -21.12
C ARG A 578 5.04 -1.84 -21.96
N ALA A 579 6.02 -1.24 -21.30
CA ALA A 579 7.05 -0.38 -21.95
C ALA A 579 7.82 -1.19 -22.96
N ALA A 580 8.13 -2.44 -22.65
CA ALA A 580 8.82 -3.30 -23.61
C ALA A 580 7.90 -3.71 -24.76
N ARG A 581 6.63 -3.93 -24.50
CA ARG A 581 5.73 -4.35 -25.56
C ARG A 581 5.52 -3.17 -26.52
N HIS A 582 5.40 -1.97 -25.95
CA HIS A 582 5.22 -0.81 -26.77
C HIS A 582 6.48 -0.53 -27.67
N GLN A 583 7.71 -0.67 -27.13
CA GLN A 583 8.91 -0.47 -27.94
C GLN A 583 9.01 -1.49 -29.10
N THR A 584 8.76 -2.76 -28.79
CA THR A 584 8.74 -3.86 -29.76
C THR A 584 7.74 -3.61 -30.92
N GLN A 585 6.52 -3.20 -30.58
CA GLN A 585 5.45 -2.96 -31.58
C GLN A 585 5.71 -1.77 -32.51
N SER A 586 6.41 -0.76 -32.02
CA SER A 586 6.62 0.40 -32.86
C SER A 586 8.10 0.56 -33.24
N GLY A 587 8.88 -0.50 -33.00
CA GLY A 587 10.26 -0.59 -33.44
C GLY A 587 10.57 -1.55 -34.59
N SER A 588 11.83 -1.48 -35.01
CA SER A 588 12.32 -2.36 -36.05
C SER A 588 12.60 -3.79 -35.54
N ALA A 589 13.33 -4.55 -36.36
CA ALA A 589 13.83 -5.85 -35.92
C ALA A 589 15.02 -5.71 -34.98
N THR A 590 15.40 -4.49 -34.63
CA THR A 590 16.51 -4.28 -33.71
C THR A 590 16.02 -3.72 -32.38
N ASP A 591 14.74 -3.37 -32.30
CA ASP A 591 14.16 -2.88 -31.04
C ASP A 591 13.41 -3.89 -30.19
N TRP A 592 13.28 -5.14 -30.62
CA TRP A 592 12.51 -6.03 -29.80
C TRP A 592 13.19 -6.29 -28.47
N VAL A 593 12.32 -6.49 -27.46
CA VAL A 593 12.76 -6.67 -26.07
C VAL A 593 11.67 -7.39 -25.26
N GLN A 594 12.11 -8.41 -24.53
CA GLN A 594 11.25 -9.17 -23.65
C GLN A 594 11.65 -8.92 -22.18
N VAL A 595 10.64 -8.98 -21.35
CA VAL A 595 10.80 -8.86 -19.92
C VAL A 595 10.26 -10.14 -19.31
N ARG A 596 11.09 -10.81 -18.49
CA ARG A 596 10.61 -11.95 -17.71
C ARG A 596 10.79 -11.70 -16.20
N ASP A 597 9.80 -12.10 -15.42
CA ASP A 597 9.97 -12.13 -13.97
C ASP A 597 10.50 -13.49 -13.64
N THR A 598 11.78 -13.57 -13.30
CA THR A 598 12.37 -14.86 -13.03
C THR A 598 12.48 -15.10 -11.54
N THR A 599 11.93 -14.23 -10.68
CA THR A 599 11.99 -14.41 -9.23
C THR A 599 11.81 -15.86 -8.80
N GLY A 600 10.69 -16.46 -9.24
CA GLY A 600 10.26 -17.73 -8.77
C GLY A 600 11.11 -18.92 -9.23
N GLY A 601 11.89 -18.73 -10.29
CA GLY A 601 12.70 -19.81 -10.84
C GLY A 601 14.16 -19.75 -10.47
N THR A 602 14.49 -18.82 -9.56
CA THR A 602 15.87 -18.53 -9.18
C THR A 602 15.91 -18.26 -7.70
N CYS A 603 17.11 -18.01 -7.18
CA CYS A 603 17.26 -17.70 -5.76
C CYS A 603 18.53 -16.91 -5.59
N CYS A 604 18.68 -16.35 -4.40
CA CYS A 604 19.83 -15.50 -4.13
C CYS A 604 20.15 -15.51 -2.62
N ILE A 605 21.43 -15.65 -2.32
CA ILE A 605 21.93 -15.49 -1.00
C ILE A 605 22.75 -14.21 -0.99
N GLY A 606 22.47 -13.33 -0.03
CA GLY A 606 23.37 -12.22 0.21
C GLY A 606 24.39 -12.71 1.23
N LEU A 607 25.65 -12.83 0.82
CA LEU A 607 26.69 -13.40 1.66
C LEU A 607 27.52 -12.22 2.15
N TRP A 608 27.30 -11.80 3.40
CA TRP A 608 27.79 -10.49 3.80
C TRP A 608 28.49 -10.51 5.15
N GLY A 609 29.54 -9.74 5.25
CA GLY A 609 30.22 -9.50 6.49
C GLY A 609 31.72 -9.60 6.28
N PRO A 610 32.52 -9.09 7.21
CA PRO A 610 33.96 -9.05 6.98
C PRO A 610 34.66 -10.38 6.68
N LEU A 611 34.12 -11.54 7.08
CA LEU A 611 34.73 -12.83 6.73
C LEU A 611 34.18 -13.46 5.43
N ALA A 612 33.43 -12.69 4.65
CA ALA A 612 32.82 -13.26 3.43
C ALA A 612 33.83 -13.82 2.47
N ARG A 613 34.99 -13.17 2.30
CA ARG A 613 36.01 -13.64 1.32
C ARG A 613 36.69 -14.90 1.88
N ASP A 614 36.98 -14.91 3.16
CA ASP A 614 37.55 -16.13 3.77
C ASP A 614 36.62 -17.35 3.49
N LEU A 615 35.30 -17.14 3.61
CA LEU A 615 34.32 -18.22 3.51
C LEU A 615 34.31 -18.71 2.06
N VAL A 616 34.07 -17.78 1.12
CA VAL A 616 33.80 -18.16 -0.28
C VAL A 616 35.03 -18.75 -0.97
N SER A 617 36.20 -18.35 -0.51
CA SER A 617 37.46 -18.83 -1.11
C SER A 617 37.64 -20.34 -0.84
N LYS A 618 36.94 -20.88 0.16
CA LYS A 618 37.02 -22.29 0.44
C LYS A 618 36.21 -23.14 -0.55
N VAL A 619 35.32 -22.50 -1.33
CA VAL A 619 34.41 -23.30 -2.12
C VAL A 619 34.33 -22.79 -3.52
N SER A 620 35.34 -22.01 -3.93
CA SER A 620 35.36 -21.46 -5.26
C SER A 620 36.83 -21.24 -5.59
N ASP A 621 37.20 -21.39 -6.86
CA ASP A 621 38.56 -21.05 -7.25
C ASP A 621 38.47 -19.74 -8.03
N ASP A 622 37.27 -19.15 -8.11
CA ASP A 622 37.17 -17.88 -8.80
C ASP A 622 37.86 -16.80 -7.96
N ASP A 623 38.28 -15.76 -8.63
CA ASP A 623 38.94 -14.67 -7.95
C ASP A 623 37.89 -13.69 -7.35
N PHE A 624 37.79 -13.69 -6.03
CA PHE A 624 36.90 -12.77 -5.33
C PHE A 624 37.56 -11.53 -4.74
N THR A 625 38.88 -11.38 -4.96
CA THR A 625 39.61 -10.24 -4.45
C THR A 625 39.03 -9.00 -5.11
N ASN A 626 39.49 -7.84 -4.65
CA ASN A 626 39.03 -6.61 -5.24
C ASN A 626 39.38 -6.55 -6.68
N ASP A 627 40.56 -7.09 -7.03
CA ASP A 627 40.94 -7.15 -8.43
C ASP A 627 40.30 -8.31 -9.17
N GLY A 628 39.58 -9.17 -8.45
CA GLY A 628 38.83 -10.21 -9.12
C GLY A 628 37.43 -9.74 -9.43
N LEU A 629 36.88 -8.90 -8.54
CA LEU A 629 35.50 -8.42 -8.70
C LEU A 629 35.29 -7.12 -7.94
N LYS A 630 35.10 -6.02 -8.64
CA LYS A 630 35.04 -4.74 -7.95
C LYS A 630 33.64 -4.52 -7.44
N TYR A 631 33.53 -3.57 -6.52
CA TYR A 631 32.27 -3.19 -5.99
C TYR A 631 31.35 -2.74 -7.13
N PHE A 632 30.08 -3.19 -7.09
CA PHE A 632 29.09 -2.88 -8.12
C PHE A 632 29.48 -3.44 -9.47
N ARG A 633 30.15 -4.58 -9.43
CA ARG A 633 30.39 -5.39 -10.63
C ARG A 633 29.86 -6.78 -10.42
N ALA A 634 29.59 -7.49 -11.52
CA ALA A 634 29.05 -8.83 -11.49
C ALA A 634 29.90 -9.69 -12.39
N LYS A 635 30.03 -10.96 -12.04
CA LYS A 635 30.53 -11.96 -12.98
C LYS A 635 30.02 -13.34 -12.61
N ASN A 636 30.17 -14.25 -13.56
CA ASN A 636 29.81 -15.64 -13.31
C ASN A 636 30.93 -16.36 -12.61
N VAL A 637 30.59 -17.19 -11.63
CA VAL A 637 31.57 -17.91 -10.83
C VAL A 637 31.01 -19.31 -10.60
N VAL A 638 31.80 -20.17 -9.98
CA VAL A 638 31.32 -21.48 -9.57
C VAL A 638 31.53 -21.59 -8.07
N ILE A 639 30.49 -21.93 -7.33
CA ILE A 639 30.57 -22.09 -5.87
C ILE A 639 29.93 -23.40 -5.45
N GLY A 640 30.71 -24.22 -4.75
CA GLY A 640 30.27 -25.57 -4.37
C GLY A 640 29.80 -26.42 -5.56
N GLY A 641 30.39 -26.17 -6.74
CA GLY A 641 29.99 -26.86 -7.98
C GLY A 641 28.79 -26.29 -8.73
N ILE A 642 28.29 -25.16 -8.22
CA ILE A 642 27.09 -24.50 -8.79
C ILE A 642 27.46 -23.23 -9.54
N PRO A 643 27.00 -23.13 -10.79
CA PRO A 643 27.16 -21.85 -11.54
C PRO A 643 26.33 -20.77 -10.87
N VAL A 644 26.94 -19.63 -10.59
CA VAL A 644 26.29 -18.58 -9.85
C VAL A 644 26.60 -17.25 -10.54
N THR A 645 25.67 -16.30 -10.48
CA THR A 645 26.01 -14.93 -10.90
C THR A 645 26.28 -14.21 -9.60
N ALA A 646 27.49 -13.67 -9.44
CA ALA A 646 27.95 -12.96 -8.22
C ALA A 646 27.93 -11.45 -8.51
N MET A 647 27.22 -10.68 -7.69
CA MET A 647 27.18 -9.24 -7.82
C MET A 647 27.74 -8.70 -6.53
N ARG A 648 28.71 -7.81 -6.64
CA ARG A 648 29.28 -7.26 -5.40
C ARG A 648 28.58 -5.96 -4.95
N LEU A 649 27.57 -6.11 -4.09
CA LEU A 649 26.94 -4.97 -3.37
C LEU A 649 26.31 -5.58 -2.14
N SER A 650 25.81 -4.74 -1.25
CA SER A 650 25.34 -5.20 0.06
C SER A 650 24.42 -4.17 0.65
N TYR A 651 23.15 -4.51 0.74
CA TYR A 651 22.14 -3.61 1.30
C TYR A 651 22.37 -3.53 2.84
N VAL A 652 23.26 -4.38 3.39
CA VAL A 652 23.52 -4.32 4.83
C VAL A 652 24.81 -3.55 5.17
N GLY A 653 25.52 -3.12 4.12
CA GLY A 653 26.74 -2.34 4.26
C GLY A 653 28.05 -3.07 4.53
N GLU A 654 28.18 -4.34 4.14
CA GLU A 654 29.39 -5.09 4.44
C GLU A 654 29.97 -5.74 3.16
N LEU A 655 31.23 -6.18 3.26
CA LEU A 655 31.87 -6.95 2.19
C LEU A 655 30.98 -8.12 1.80
N GLY A 656 30.98 -8.45 0.53
CA GLY A 656 30.35 -9.66 0.04
C GLY A 656 29.55 -9.45 -1.18
N TRP A 657 28.65 -10.40 -1.48
CA TRP A 657 28.07 -10.52 -2.78
C TRP A 657 26.69 -11.07 -2.69
N GLU A 658 25.87 -10.68 -3.65
CA GLU A 658 24.63 -11.38 -3.94
C GLU A 658 25.02 -12.50 -4.90
N LEU A 659 24.58 -13.69 -4.54
CA LEU A 659 24.91 -14.90 -5.25
C LEU A 659 23.60 -15.48 -5.85
N TYR A 660 23.45 -15.38 -7.17
CA TYR A 660 22.21 -15.82 -7.79
C TYR A 660 22.48 -17.13 -8.48
N THR A 661 21.49 -18.02 -8.41
CA THR A 661 21.54 -19.23 -9.19
C THR A 661 20.12 -19.73 -9.51
N SER A 662 20.00 -20.73 -10.38
CA SER A 662 18.66 -21.32 -10.63
C SER A 662 18.11 -22.11 -9.42
N ALA A 663 16.77 -22.15 -9.22
CA ALA A 663 16.18 -22.77 -8.03
C ALA A 663 16.68 -24.19 -7.74
N ASP A 664 16.88 -25.00 -8.78
CA ASP A 664 17.27 -26.41 -8.58
C ASP A 664 18.66 -26.55 -7.98
N ASN A 665 19.46 -25.48 -8.10
CA ASN A 665 20.86 -25.50 -7.60
C ASN A 665 20.95 -24.91 -6.19
N GLY A 666 19.88 -24.23 -5.75
CA GLY A 666 20.02 -23.37 -4.58
C GLY A 666 20.41 -24.06 -3.29
N GLN A 667 19.78 -25.18 -3.04
CA GLN A 667 20.10 -25.92 -1.78
C GLN A 667 21.56 -26.35 -1.77
N ARG A 668 22.06 -26.79 -2.92
CA ARG A 668 23.47 -27.18 -2.91
C ARG A 668 24.31 -25.94 -2.61
N LEU A 669 23.93 -24.81 -3.20
CA LEU A 669 24.76 -23.62 -3.10
C LEU A 669 24.73 -23.23 -1.61
N TRP A 670 23.53 -23.28 -1.02
CA TRP A 670 23.38 -23.02 0.43
C TRP A 670 24.26 -23.92 1.30
N ASP A 671 24.16 -25.23 1.07
CA ASP A 671 24.93 -26.17 1.88
C ASP A 671 26.44 -26.03 1.70
N ALA A 672 26.91 -25.75 0.51
CA ALA A 672 28.32 -25.56 0.28
C ALA A 672 28.81 -24.39 1.10
N LEU A 673 28.06 -23.30 1.09
CA LEU A 673 28.52 -22.09 1.81
C LEU A 673 28.46 -22.31 3.32
N TRP A 674 27.41 -22.99 3.75
CA TRP A 674 27.13 -23.21 5.16
C TRP A 674 28.28 -24.00 5.74
N GLN A 675 28.63 -25.09 5.06
CA GLN A 675 29.70 -25.90 5.48
C GLN A 675 31.07 -25.12 5.44
N ALA A 676 31.40 -24.49 4.32
CA ALA A 676 32.58 -23.62 4.26
C ALA A 676 32.64 -22.61 5.41
N GLY A 677 31.48 -22.10 5.83
CA GLY A 677 31.41 -21.06 6.85
C GLY A 677 31.49 -21.47 8.31
N GLN A 678 31.47 -22.78 8.55
CA GLN A 678 31.52 -23.31 9.98
C GLN A 678 32.67 -22.73 10.80
N PRO A 679 33.92 -22.76 10.27
CA PRO A 679 35.07 -22.25 11.03
C PRO A 679 34.97 -20.73 11.25
N PHE A 680 34.15 -20.03 10.45
CA PHE A 680 34.08 -18.56 10.51
C PHE A 680 32.90 -18.11 11.28
N GLY A 681 32.22 -19.04 11.93
CA GLY A 681 30.97 -18.73 12.61
C GLY A 681 29.81 -18.29 11.73
N VAL A 682 29.66 -18.82 10.50
CA VAL A 682 28.61 -18.29 9.65
C VAL A 682 27.23 -18.45 10.32
N ILE A 683 26.33 -17.50 10.12
CA ILE A 683 24.94 -17.72 10.53
C ILE A 683 24.01 -17.45 9.31
N ALA A 684 22.76 -17.93 9.41
CA ALA A 684 21.68 -17.43 8.59
C ALA A 684 21.15 -16.21 9.33
N ALA A 685 20.90 -15.14 8.60
CA ALA A 685 20.35 -13.88 9.20
C ALA A 685 19.08 -13.45 8.48
N GLY A 686 18.12 -12.95 9.25
CA GLY A 686 16.78 -12.67 8.74
C GLY A 686 16.46 -11.19 8.57
N ARG A 687 15.20 -10.91 8.25
CA ARG A 687 14.81 -9.58 7.80
C ARG A 687 14.83 -8.49 8.88
N ALA A 688 14.69 -8.86 10.14
CA ALA A 688 14.76 -7.89 11.24
C ALA A 688 16.11 -7.30 11.26
N ALA A 689 17.15 -8.14 11.30
CA ALA A 689 18.52 -7.56 11.23
C ALA A 689 18.76 -6.80 9.94
N PHE A 690 18.39 -7.40 8.83
CA PHE A 690 18.58 -6.80 7.48
C PHE A 690 18.04 -5.35 7.47
N SER A 691 16.82 -5.17 7.91
CA SER A 691 16.18 -3.85 7.95
C SER A 691 16.88 -2.80 8.79
N SER A 692 17.36 -3.21 9.95
CA SER A 692 18.10 -2.38 10.86
C SER A 692 19.49 -2.04 10.26
N LEU A 693 20.20 -3.04 9.73
CA LEU A 693 21.47 -2.79 9.13
C LEU A 693 21.36 -1.84 7.91
N ARG A 694 20.37 -2.01 7.05
CA ARG A 694 20.27 -1.16 5.82
C ARG A 694 19.91 0.26 6.22
N LEU A 695 19.26 0.41 7.38
CA LEU A 695 18.89 1.70 7.87
C LEU A 695 20.08 2.42 8.44
N GLU A 696 20.99 1.65 9.03
CA GLU A 696 22.25 2.22 9.52
C GLU A 696 23.12 2.75 8.35
N LYS A 697 22.92 2.16 7.18
CA LYS A 697 23.55 2.57 5.93
C LYS A 697 22.81 3.65 5.23
N GLY A 698 21.63 4.05 5.70
CA GLY A 698 20.90 5.10 4.97
C GLY A 698 20.32 4.69 3.64
N TYR A 699 20.18 3.39 3.36
CA TYR A 699 19.70 3.01 2.03
C TYR A 699 18.20 3.12 1.99
N ARG A 700 17.65 3.51 0.87
CA ARG A 700 16.24 3.92 0.84
C ARG A 700 15.39 2.74 0.50
N SER A 701 14.16 2.73 1.00
CA SER A 701 13.23 1.68 0.63
C SER A 701 12.07 2.29 -0.17
N TRP A 702 11.90 1.92 -1.43
CA TRP A 702 10.83 2.50 -2.23
C TRP A 702 9.44 2.19 -1.62
N GLY A 703 8.57 3.18 -1.62
CA GLY A 703 7.22 2.92 -1.16
C GLY A 703 6.99 3.54 0.19
N THR A 704 8.06 3.73 0.95
CA THR A 704 8.00 4.45 2.23
C THR A 704 8.95 5.64 2.32
N ASP A 705 10.25 5.35 2.24
CA ASP A 705 11.22 6.43 2.18
C ASP A 705 11.09 7.37 0.98
N MET A 706 10.66 6.85 -0.18
CA MET A 706 10.29 7.73 -1.30
C MET A 706 9.23 7.03 -2.12
N THR A 707 8.34 7.83 -2.73
CA THR A 707 7.34 7.40 -3.72
C THR A 707 7.33 8.41 -4.89
N THR A 708 6.40 8.26 -5.81
CA THR A 708 6.28 9.22 -6.88
C THR A 708 5.97 10.62 -6.39
N GLU A 709 5.64 10.80 -5.12
CA GLU A 709 5.42 12.13 -4.56
C GLU A 709 6.79 12.86 -4.29
N HIS A 710 7.89 12.15 -4.43
CA HIS A 710 9.22 12.70 -4.18
C HIS A 710 10.07 12.61 -5.41
N ASP A 711 10.88 13.67 -5.60
CA ASP A 711 11.89 13.62 -6.66
C ASP A 711 13.18 13.05 -6.10
N PRO A 712 14.14 12.65 -6.95
CA PRO A 712 15.39 12.06 -6.40
C PRO A 712 16.12 12.98 -5.46
N PHE A 713 16.03 14.30 -5.66
CA PHE A 713 16.84 15.23 -4.83
C PHE A 713 16.25 15.39 -3.42
N GLU A 714 14.91 15.48 -3.32
CA GLU A 714 14.22 15.40 -2.03
C GLU A 714 14.58 14.10 -1.28
N ALA A 715 14.72 12.99 -1.98
CA ALA A 715 14.98 11.71 -1.34
C ALA A 715 16.44 11.48 -1.04
N GLY A 716 17.31 12.45 -1.42
CA GLY A 716 18.74 12.29 -1.25
C GLY A 716 19.29 11.25 -2.21
N LEU A 717 18.69 11.10 -3.37
CA LEU A 717 19.18 10.14 -4.39
C LEU A 717 19.71 10.82 -5.69
N GLY A 718 20.01 12.12 -5.61
CA GLY A 718 20.63 12.84 -6.72
C GLY A 718 21.84 12.09 -7.29
N PHE A 719 22.71 11.54 -6.44
CA PHE A 719 23.88 10.82 -6.97
C PHE A 719 23.50 9.84 -8.08
N ALA A 720 22.30 9.29 -7.99
CA ALA A 720 21.83 8.23 -8.90
C ALA A 720 21.19 8.75 -10.18
N VAL A 721 21.07 10.06 -10.31
CA VAL A 721 20.51 10.64 -11.54
C VAL A 721 21.67 11.24 -12.36
N LYS A 722 21.83 10.77 -13.60
CA LYS A 722 22.88 11.22 -14.52
C LYS A 722 22.27 12.26 -15.45
N MET A 723 22.28 13.50 -14.99
CA MET A 723 21.54 14.59 -15.64
C MET A 723 22.05 14.89 -17.05
N ALA A 724 23.31 14.48 -17.29
CA ALA A 724 24.01 14.64 -18.54
C ALA A 724 23.49 13.72 -19.65
N LYS A 725 22.84 12.59 -19.32
CA LYS A 725 22.18 11.77 -20.33
C LYS A 725 21.36 12.59 -21.35
N GLU A 726 21.44 12.27 -22.63
CA GLU A 726 20.64 13.00 -23.61
C GLU A 726 19.21 12.95 -23.16
N SER A 727 18.75 11.75 -22.87
CA SER A 727 17.33 11.52 -22.78
C SER A 727 17.00 10.44 -21.71
N PHE A 728 16.01 10.76 -20.87
CA PHE A 728 15.35 9.76 -20.02
C PHE A 728 14.09 10.32 -19.39
N ILE A 729 13.12 9.41 -19.16
CA ILE A 729 11.85 9.79 -18.55
C ILE A 729 12.09 10.55 -17.28
N GLY A 730 11.55 11.76 -17.20
CA GLY A 730 11.73 12.60 -16.04
C GLY A 730 12.82 13.66 -16.08
N LYS A 731 13.70 13.53 -17.07
CA LYS A 731 14.85 14.39 -17.12
C LYS A 731 14.37 15.87 -17.13
N GLY A 732 13.39 16.19 -18.00
CA GLY A 732 13.07 17.59 -18.24
C GLY A 732 12.54 18.23 -16.97
N ALA A 733 11.73 17.45 -16.26
CA ALA A 733 11.19 17.87 -14.99
C ALA A 733 12.26 18.18 -13.97
N LEU A 734 13.41 17.52 -14.02
CA LEU A 734 14.37 17.67 -12.95
C LEU A 734 15.47 18.68 -13.24
N GLU A 735 15.40 19.33 -14.41
CA GLU A 735 16.30 20.44 -14.72
C GLU A 735 16.39 21.51 -13.62
N GLY A 736 17.63 21.81 -13.24
CA GLY A 736 17.91 22.82 -12.23
C GLY A 736 17.74 22.42 -10.79
N ARG A 737 17.14 21.26 -10.51
CA ARG A 737 16.90 20.95 -9.10
C ARG A 737 18.14 20.37 -8.49
N THR A 738 18.29 20.63 -7.18
CA THR A 738 19.39 20.05 -6.42
C THR A 738 18.89 19.59 -5.04
N GLU A 739 19.68 18.79 -4.33
CA GLU A 739 19.32 18.38 -2.99
C GLU A 739 19.30 19.58 -2.07
N GLU A 740 20.25 20.47 -2.27
CA GLU A 740 20.46 21.63 -1.38
C GLU A 740 19.27 22.61 -1.43
N ALA A 741 18.69 22.76 -2.59
CA ALA A 741 17.56 23.63 -2.83
C ALA A 741 16.20 23.01 -2.64
N SER A 742 16.14 21.72 -2.33
CA SER A 742 14.84 21.05 -2.16
C SER A 742 14.13 21.63 -0.95
N ALA A 743 12.86 21.99 -1.12
CA ALA A 743 12.06 22.48 0.00
C ALA A 743 11.82 21.40 1.09
N ARG A 744 11.80 20.12 0.71
CA ARG A 744 11.71 19.01 1.67
C ARG A 744 12.81 18.00 1.42
N ARG A 745 13.39 17.50 2.50
CA ARG A 745 14.49 16.52 2.38
C ARG A 745 14.37 15.41 3.37
N LEU A 746 14.77 14.23 2.91
CA LEU A 746 14.68 13.03 3.73
C LEU A 746 15.81 13.06 4.72
N ARG A 747 15.49 12.97 5.99
CA ARG A 747 16.48 13.11 7.03
C ARG A 747 16.48 11.89 7.85
N CYS A 748 17.68 11.57 8.31
CA CYS A 748 17.88 10.52 9.26
C CYS A 748 17.69 11.08 10.66
N LEU A 749 16.88 10.41 11.50
CA LEU A 749 16.75 10.81 12.89
C LEU A 749 17.29 9.72 13.80
N THR A 750 18.02 10.08 14.85
CA THR A 750 18.30 9.10 15.90
C THR A 750 17.57 9.57 17.16
N ILE A 751 17.06 8.61 17.91
CA ILE A 751 16.25 8.88 19.06
C ILE A 751 17.14 9.08 20.29
N ASP A 752 16.99 10.22 20.95
CA ASP A 752 17.92 10.66 21.97
C ASP A 752 18.03 9.71 23.16
N ASP A 753 16.89 9.24 23.67
CA ASP A 753 16.93 8.40 24.86
C ASP A 753 17.58 7.01 24.64
N GLY A 754 17.96 6.68 23.41
CA GLY A 754 18.55 5.40 23.16
C GLY A 754 17.60 4.21 23.21
N ARG A 755 16.33 4.44 23.44
CA ARG A 755 15.45 3.31 23.68
C ARG A 755 14.03 3.43 23.18
N SER A 756 13.45 4.63 23.07
CA SER A 756 12.08 4.70 22.55
C SER A 756 11.92 4.42 21.02
N ILE A 757 11.68 3.16 20.67
CA ILE A 757 11.57 2.73 19.25
C ILE A 757 10.28 3.19 18.65
N VAL A 758 10.37 3.70 17.44
CA VAL A 758 9.18 4.00 16.67
C VAL A 758 9.18 3.08 15.48
N LEU A 759 8.01 3.02 14.83
CA LEU A 759 7.76 1.97 13.88
C LEU A 759 7.46 2.44 12.51
N GLY A 760 6.92 3.66 12.35
CA GLY A 760 6.47 4.13 11.04
C GLY A 760 5.17 4.90 11.14
N LYS A 761 5.06 5.97 10.36
CA LYS A 761 3.88 6.83 10.32
C LYS A 761 3.71 7.80 11.49
N GLU A 762 4.54 7.67 12.51
CA GLU A 762 4.44 8.61 13.67
C GLU A 762 4.70 10.01 13.18
N PRO A 763 3.92 11.02 13.61
CA PRO A 763 4.20 12.40 13.17
C PRO A 763 5.48 12.95 13.77
N VAL A 764 6.14 13.81 12.99
CA VAL A 764 7.33 14.49 13.43
C VAL A 764 7.08 16.00 13.56
N PHE A 765 7.45 16.56 14.70
CA PHE A 765 7.21 17.97 15.02
C PHE A 765 8.57 18.69 15.13
N TYR A 766 8.62 19.87 14.51
CA TYR A 766 9.70 20.81 14.71
C TYR A 766 9.09 22.10 15.35
N LYS A 767 9.68 22.56 16.43
CA LYS A 767 9.17 23.71 17.16
C LYS A 767 7.65 23.63 17.32
N GLU A 768 7.16 22.43 17.67
CA GLU A 768 5.73 22.21 18.01
C GLU A 768 4.77 22.16 16.84
N GLN A 769 5.30 22.10 15.62
CA GLN A 769 4.47 21.97 14.43
C GLN A 769 4.76 20.64 13.71
N ALA A 770 3.71 20.03 13.17
CA ALA A 770 3.86 18.74 12.49
C ALA A 770 4.45 19.07 11.13
N VAL A 771 5.68 18.62 10.88
CA VAL A 771 6.39 18.91 9.64
C VAL A 771 6.89 17.68 8.89
N GLY A 772 6.57 16.49 9.37
CA GLY A 772 7.06 15.25 8.73
C GLY A 772 6.41 14.02 9.36
N TYR A 773 6.93 12.83 9.05
CA TYR A 773 6.32 11.64 9.56
C TYR A 773 7.30 10.53 9.34
N VAL A 774 7.32 9.57 10.23
CA VAL A 774 8.33 8.52 10.08
C VAL A 774 8.06 7.64 8.87
N THR A 775 9.03 7.53 7.98
CA THR A 775 8.87 6.67 6.79
C THR A 775 9.34 5.28 7.10
N SER A 776 10.57 5.12 7.57
CA SER A 776 11.11 3.79 7.93
C SER A 776 11.75 3.98 9.32
N ALA A 777 11.93 2.89 10.08
CA ALA A 777 12.56 2.93 11.39
C ALA A 777 13.01 1.56 11.76
N ALA A 778 13.92 1.48 12.71
CA ALA A 778 14.31 0.20 13.27
C ALA A 778 15.18 0.56 14.46
N TYR A 779 15.44 -0.41 15.33
CA TYR A 779 16.52 -0.19 16.29
C TYR A 779 17.82 -0.44 15.55
N GLY A 780 18.76 0.53 15.63
CA GLY A 780 20.07 0.32 15.09
C GLY A 780 21.02 -0.42 16.04
N TYR A 781 21.33 -1.69 15.75
CA TYR A 781 22.18 -2.46 16.67
C TYR A 781 23.63 -1.98 16.76
N THR A 782 24.11 -1.38 15.68
CA THR A 782 25.51 -0.95 15.57
C THR A 782 25.65 0.39 16.29
N VAL A 783 24.77 1.34 16.06
CA VAL A 783 24.83 2.63 16.77
C VAL A 783 24.13 2.62 18.11
N ALA A 784 23.40 1.53 18.37
CA ALA A 784 22.83 1.29 19.66
C ALA A 784 21.78 2.31 20.03
N LYS A 785 20.92 2.65 19.07
CA LYS A 785 19.81 3.59 19.29
C LYS A 785 18.74 3.39 18.26
N PRO A 786 17.51 3.82 18.56
CA PRO A 786 16.43 3.72 17.53
C PRO A 786 16.74 4.71 16.48
N ILE A 787 16.46 4.35 15.22
CA ILE A 787 16.64 5.25 14.08
C ILE A 787 15.26 5.40 13.47
N ALA A 788 14.94 6.60 12.94
CA ALA A 788 13.72 6.89 12.15
C ALA A 788 14.11 7.84 11.00
N TYR A 789 13.51 7.64 9.81
CA TYR A 789 13.62 8.55 8.68
C TYR A 789 12.37 9.39 8.57
N SER A 790 12.52 10.64 8.16
CA SER A 790 11.38 11.51 7.90
C SER A 790 11.79 12.58 6.88
N TYR A 791 10.90 12.91 5.95
CA TYR A 791 11.04 14.19 5.25
C TYR A 791 10.91 15.33 6.27
N LEU A 792 11.67 16.39 6.04
CA LEU A 792 11.60 17.57 6.89
C LEU A 792 11.80 18.76 5.96
N PRO A 793 11.29 19.92 6.36
CA PRO A 793 11.52 21.18 5.61
C PRO A 793 13.00 21.40 5.44
N GLY A 794 13.39 21.97 4.31
CA GLY A 794 14.80 22.19 3.99
C GLY A 794 15.53 23.03 5.01
N THR A 795 14.76 23.93 5.65
CA THR A 795 15.28 24.83 6.69
C THR A 795 15.74 24.07 7.93
N VAL A 796 15.15 22.90 8.21
CA VAL A 796 15.63 22.02 9.30
C VAL A 796 16.96 21.34 8.93
N SER A 797 17.91 21.43 9.83
CA SER A 797 19.31 21.08 9.55
C SER A 797 19.79 19.87 10.37
N VAL A 798 20.87 19.21 9.89
CA VAL A 798 21.63 18.23 10.70
C VAL A 798 21.95 18.85 12.06
N GLY A 799 21.67 18.12 13.13
CA GLY A 799 21.84 18.63 14.48
C GLY A 799 20.61 19.30 15.06
N ASP A 800 19.62 19.65 14.25
CA ASP A 800 18.38 20.14 14.87
C ASP A 800 17.71 19.01 15.68
N SER A 801 16.81 19.39 16.58
CA SER A 801 16.09 18.45 17.40
C SER A 801 14.61 18.49 17.00
N VAL A 802 13.98 17.32 16.99
CA VAL A 802 12.58 17.19 16.56
C VAL A 802 11.95 16.19 17.49
N ASP A 803 10.64 16.21 17.53
CA ASP A 803 9.93 15.28 18.40
C ASP A 803 9.17 14.28 17.53
N ILE A 804 9.13 13.02 17.93
CA ILE A 804 8.38 12.03 17.20
C ILE A 804 7.34 11.61 18.19
N GLU A 805 6.07 11.77 17.84
CA GLU A 805 4.99 11.24 18.64
C GLU A 805 4.66 9.76 18.44
N TYR A 806 4.82 9.05 19.53
CA TYR A 806 4.55 7.61 19.61
C TYR A 806 3.55 7.34 20.72
N PHE A 807 2.40 6.83 20.35
CA PHE A 807 1.31 6.60 21.26
C PHE A 807 1.08 7.86 22.16
N GLY A 808 1.00 9.04 21.57
CA GLY A 808 0.62 10.22 22.34
C GLY A 808 1.81 10.82 23.04
N ARG A 809 2.99 10.21 23.00
CA ARG A 809 4.13 10.73 23.75
C ARG A 809 5.21 11.28 22.84
N ARG A 810 5.68 12.51 23.14
CA ARG A 810 6.73 13.13 22.35
C ARG A 810 8.12 12.51 22.64
N ILE A 811 8.80 12.02 21.61
CA ILE A 811 10.10 11.40 21.77
C ILE A 811 11.10 12.32 21.09
N THR A 812 12.15 12.73 21.85
CA THR A 812 13.15 13.65 21.33
C THR A 812 14.14 12.94 20.42
N ALA A 813 14.34 13.45 19.22
CA ALA A 813 15.29 12.83 18.28
C ALA A 813 16.15 13.97 17.67
N THR A 814 17.31 13.62 17.13
CA THR A 814 18.20 14.60 16.52
C THR A 814 18.38 14.22 15.06
N VAL A 815 18.43 15.23 14.22
CA VAL A 815 18.68 15.06 12.82
C VAL A 815 20.16 14.76 12.71
N THR A 816 20.45 13.60 12.14
CA THR A 816 21.83 13.12 12.07
C THR A 816 22.27 12.89 10.62
N GLU A 817 23.56 13.15 10.36
CA GLU A 817 24.07 12.90 9.02
C GLU A 817 24.07 11.38 8.71
N ASP A 818 23.63 11.01 7.51
CA ASP A 818 23.73 9.62 7.14
C ASP A 818 24.72 9.41 6.00
N PRO A 819 25.24 8.19 5.81
CA PRO A 819 24.94 7.00 6.65
C PRO A 819 25.41 7.10 8.08
N LEU A 820 24.64 6.54 9.00
CA LEU A 820 25.07 6.45 10.38
C LEU A 820 26.28 5.52 10.47
N TYR A 821 26.40 4.53 9.57
CA TYR A 821 27.46 3.55 9.71
C TYR A 821 28.39 3.57 8.53
N ASP A 822 29.68 3.64 8.81
CA ASP A 822 30.70 3.58 7.76
C ASP A 822 30.38 4.47 6.54
N PRO A 823 30.21 5.79 6.73
CA PRO A 823 29.83 6.64 5.60
C PRO A 823 30.95 6.70 4.55
N LYS A 824 32.20 6.49 4.95
CA LYS A 824 33.25 6.47 3.96
C LYS A 824 33.41 5.11 3.20
N MET A 825 32.42 4.24 3.32
CA MET A 825 32.39 2.94 2.64
C MET A 825 33.63 2.07 2.78
N THR A 826 34.35 2.20 3.89
CA THR A 826 35.59 1.47 4.07
C THR A 826 35.32 -0.02 4.06
N ARG A 827 34.16 -0.44 4.58
CA ARG A 827 33.85 -1.85 4.64
C ARG A 827 33.51 -2.40 3.25
N LEU A 828 33.13 -1.55 2.29
CA LEU A 828 32.58 -1.98 1.00
C LEU A 828 33.62 -2.06 -0.14
N ARG A 829 34.66 -1.25 -0.06
CA ARG A 829 35.73 -1.15 -1.08
C ARG A 829 36.93 -2.03 -0.81
N GLY A 830 37.78 -2.15 -1.84
CA GLY A 830 38.96 -3.02 -1.86
C GLY A 830 39.22 -4.09 -0.80
NA NA B . -14.66 -8.74 13.28
N1 FFO C . 18.69 -4.81 -6.37
C2 FFO C . 19.71 -5.52 -5.89
NA2 FFO C . 20.51 -6.13 -6.83
N3 FFO C . 19.98 -5.62 -4.53
C4 FFO C . 19.15 -5.02 -3.62
O4 FFO C . 19.37 -5.07 -2.38
C4A FFO C . 17.98 -4.25 -4.12
N5 FFO C . 16.98 -3.55 -3.33
C6 FFO C . 16.16 -2.47 -3.89
C7 FFO C . 15.66 -3.00 -5.24
N8 FFO C . 16.76 -3.50 -6.03
C8A FFO C . 17.82 -4.20 -5.56
C9 FFO C . 17.07 -1.26 -4.20
N10 FFO C . 17.54 -0.57 -3.04
C11 FFO C . 21.57 0.29 -2.54
C12 FFO C . 20.61 1.19 -2.05
C13 FFO C . 19.24 0.86 -2.20
C14 FFO C . 18.84 -0.31 -2.86
C15 FFO C . 19.82 -1.17 -3.38
C16 FFO C . 21.16 -0.88 -3.18
C FFO C . 23.06 0.62 -2.48
O FFO C . 23.94 -0.24 -2.59
N FFO C . 23.40 1.91 -2.41
CA FFO C . 24.75 2.39 -2.56
CB FFO C . 24.98 2.51 -4.05
CG FFO C . 26.44 2.79 -4.35
CD FFO C . 26.72 3.20 -5.79
OE1 FFO C . 27.89 3.50 -6.07
OE2 FFO C . 25.77 3.22 -6.73
CT FFO C . 24.78 3.72 -1.87
O1 FFO C . 25.80 4.20 -1.38
O2 FFO C . 23.64 4.40 -1.77
C5A FFO C . 16.78 -3.97 -2.15
O5B FFO C . 15.91 -3.58 -1.38
PA FAD D . -21.32 1.10 -7.14
O1A FAD D . -21.98 2.25 -6.36
O2A FAD D . -21.65 -0.28 -6.75
O5B FAD D . -21.51 1.39 -8.70
C5B FAD D . -21.02 0.43 -9.61
C4B FAD D . -22.06 0.56 -10.77
O4B FAD D . -21.67 -0.28 -11.87
C3B FAD D . -23.47 0.14 -10.36
O3B FAD D . -24.40 1.22 -10.34
C2B FAD D . -23.75 -0.94 -11.40
O2B FAD D . -25.10 -1.05 -11.74
C1B FAD D . -22.80 -0.65 -12.57
N9A FAD D . -22.48 -1.87 -13.32
C8A FAD D . -21.88 -3.00 -12.84
N7A FAD D . -21.74 -3.88 -13.87
C5A FAD D . -22.22 -3.32 -15.01
C6A FAD D . -22.37 -3.75 -16.33
N6A FAD D . -21.99 -4.94 -16.77
N1A FAD D . -22.88 -2.90 -17.28
C2A FAD D . -23.30 -1.64 -16.89
N3A FAD D . -23.16 -1.23 -15.60
C4A FAD D . -22.65 -2.05 -14.67
N1 FAD D . -18.61 3.72 2.46
C2 FAD D . -18.20 4.75 3.28
O2 FAD D . -17.25 5.48 2.95
N3 FAD D . -18.82 4.98 4.51
C4 FAD D . -19.81 4.15 4.93
O4 FAD D . -20.59 4.49 5.89
C4X FAD D . -20.18 3.08 4.12
N5 FAD D . -21.14 2.20 4.60
C5X FAD D . -21.63 1.19 3.81
C6 FAD D . -22.65 0.36 4.32
C7 FAD D . -23.11 -0.67 3.52
C7M FAD D . -24.17 -1.64 4.01
C8 FAD D . -22.54 -0.84 2.27
C8M FAD D . -23.12 -1.86 1.35
C9 FAD D . -21.53 -0.03 1.77
C9A FAD D . -21.06 1.00 2.55
N10 FAD D . -20.05 1.81 2.11
C10 FAD D . -19.61 2.87 2.89
C1' FAD D . -19.23 1.38 0.89
C2' FAD D . -19.71 2.13 -0.37
O2' FAD D . -21.11 1.97 -0.46
C3' FAD D . -19.04 1.62 -1.66
O3' FAD D . -17.67 1.30 -1.44
C4' FAD D . -19.12 2.66 -2.77
O4' FAD D . -20.46 3.04 -2.88
C5' FAD D . -18.89 1.97 -4.11
O5' FAD D . -18.94 2.95 -5.08
P FAD D . -18.81 2.53 -6.63
O1P FAD D . -19.16 3.77 -7.45
O2P FAD D . -17.44 1.94 -6.80
O3P FAD D . -19.76 1.20 -6.93
#